data_2RUF
#
_entry.id   2RUF
#
_entity_poly.entity_id   1
_entity_poly.type   'polypeptide(L)'
_entity_poly.pdbx_seq_one_letter_code
;GPLGSEGPVTVVVAKNYNEIVLDDTKDVLIEFYAPWCGHCKALAPKYEELGALYAKSEFKDRVVIAKVDATANDVPDEIQ
GFPTIKLYPAGAKGQPVTYSGSRTVEDLIKFIAENGKYKAA
;
_entity_poly.pdbx_strand_id   A
#
# COMPACT_ATOMS: atom_id res chain seq x y z
N GLY A 1 11.26 16.95 14.58
CA GLY A 1 10.72 17.85 15.63
C GLY A 1 9.66 18.80 15.09
N PRO A 2 10.07 19.99 14.62
CA PRO A 2 9.15 20.99 14.08
C PRO A 2 8.23 20.40 12.99
N LEU A 3 8.82 19.60 12.11
CA LEU A 3 8.06 18.98 11.03
C LEU A 3 7.99 17.47 11.21
N GLY A 4 6.87 16.99 11.71
CA GLY A 4 6.69 15.57 11.91
C GLY A 4 5.80 14.92 10.87
N SER A 5 4.89 15.72 10.31
CA SER A 5 3.96 15.23 9.29
C SER A 5 4.59 15.34 7.90
N GLU A 6 3.74 15.26 6.87
CA GLU A 6 4.21 15.36 5.49
C GLU A 6 5.07 14.16 5.12
N GLY A 7 4.77 13.56 3.98
CA GLY A 7 5.52 12.40 3.52
C GLY A 7 5.48 11.25 4.50
N PRO A 8 4.29 10.87 4.99
CA PRO A 8 4.14 9.78 5.94
C PRO A 8 4.19 8.40 5.27
N VAL A 9 3.54 8.29 4.12
CA VAL A 9 3.52 7.05 3.36
C VAL A 9 4.52 7.06 2.23
N THR A 10 4.88 5.88 1.74
CA THR A 10 5.84 5.76 0.64
C THR A 10 5.20 6.20 -0.67
N VAL A 11 5.99 6.85 -1.52
CA VAL A 11 5.49 7.33 -2.81
C VAL A 11 5.91 6.39 -3.94
N VAL A 12 4.94 6.03 -4.77
CA VAL A 12 5.19 5.14 -5.91
C VAL A 12 4.66 5.74 -7.20
N VAL A 13 5.57 6.18 -8.06
CA VAL A 13 5.20 6.77 -9.34
C VAL A 13 5.64 5.88 -10.50
N ALA A 14 5.04 6.09 -11.67
CA ALA A 14 5.37 5.30 -12.85
C ALA A 14 6.89 5.18 -13.05
N LYS A 15 7.62 6.18 -12.55
CA LYS A 15 9.08 6.19 -12.67
C LYS A 15 9.71 5.08 -11.84
N ASN A 16 9.04 4.69 -10.76
CA ASN A 16 9.56 3.64 -9.89
C ASN A 16 8.45 2.69 -9.43
N TYR A 17 7.37 2.62 -10.20
CA TYR A 17 6.26 1.74 -9.86
C TYR A 17 6.65 0.28 -10.01
N ASN A 18 7.34 -0.01 -11.10
CA ASN A 18 7.78 -1.38 -11.38
C ASN A 18 8.85 -1.82 -10.40
N GLU A 19 9.92 -1.05 -10.28
CA GLU A 19 11.02 -1.41 -9.38
C GLU A 19 10.52 -1.70 -7.97
N ILE A 20 9.48 -0.99 -7.55
CA ILE A 20 8.91 -1.18 -6.22
C ILE A 20 8.10 -2.47 -6.13
N VAL A 21 6.88 -2.44 -6.65
CA VAL A 21 6.00 -3.61 -6.64
C VAL A 21 6.76 -4.88 -7.01
N LEU A 22 7.77 -4.73 -7.85
CA LEU A 22 8.58 -5.86 -8.29
C LEU A 22 9.41 -6.42 -7.14
N ASP A 23 9.98 -5.53 -6.33
CA ASP A 23 10.79 -5.94 -5.20
C ASP A 23 10.14 -7.07 -4.41
N ASP A 24 10.50 -8.30 -4.75
CA ASP A 24 9.95 -9.48 -4.09
C ASP A 24 10.71 -9.80 -2.79
N THR A 25 11.87 -9.19 -2.61
CA THR A 25 12.68 -9.42 -1.42
C THR A 25 12.04 -8.79 -0.19
N LYS A 26 11.02 -7.96 -0.39
CA LYS A 26 10.33 -7.30 0.71
C LYS A 26 8.82 -7.29 0.48
N ASP A 27 8.07 -6.96 1.52
CA ASP A 27 6.62 -6.91 1.44
C ASP A 27 6.17 -5.57 0.83
N VAL A 28 5.32 -5.65 -0.18
CA VAL A 28 4.83 -4.44 -0.85
C VAL A 28 3.32 -4.28 -0.65
N LEU A 29 2.91 -3.04 -0.43
CA LEU A 29 1.51 -2.73 -0.23
C LEU A 29 1.11 -1.48 -1.01
N ILE A 30 0.46 -1.68 -2.16
CA ILE A 30 0.06 -0.58 -3.01
C ILE A 30 -1.44 -0.31 -2.89
N GLU A 31 -1.79 0.96 -2.68
CA GLU A 31 -3.19 1.36 -2.55
C GLU A 31 -3.52 2.46 -3.55
N PHE A 32 -4.48 2.21 -4.43
CA PHE A 32 -4.87 3.18 -5.43
C PHE A 32 -6.10 3.97 -4.99
N TYR A 33 -6.13 5.25 -5.32
CA TYR A 33 -7.24 6.12 -4.96
C TYR A 33 -7.28 7.35 -5.86
N ALA A 34 -8.39 8.07 -5.81
CA ALA A 34 -8.57 9.27 -6.61
C ALA A 34 -8.59 10.52 -5.74
N PRO A 35 -7.93 11.61 -6.19
CA PRO A 35 -7.89 12.87 -5.44
C PRO A 35 -9.23 13.59 -5.41
N TRP A 36 -10.20 13.08 -6.17
CA TRP A 36 -11.53 13.68 -6.21
C TRP A 36 -12.54 12.83 -5.47
N CYS A 37 -12.27 11.53 -5.37
CA CYS A 37 -13.17 10.61 -4.69
C CYS A 37 -13.23 10.91 -3.20
N GLY A 38 -14.44 10.88 -2.64
CA GLY A 38 -14.61 11.15 -1.23
C GLY A 38 -14.33 9.95 -0.36
N HIS A 39 -14.88 8.79 -0.76
CA HIS A 39 -14.68 7.56 -0.01
C HIS A 39 -13.19 7.28 0.20
N CYS A 40 -12.37 7.75 -0.74
CA CYS A 40 -10.93 7.56 -0.65
C CYS A 40 -10.33 8.44 0.44
N LYS A 41 -10.94 9.60 0.65
CA LYS A 41 -10.47 10.54 1.67
C LYS A 41 -10.48 9.88 3.05
N ALA A 42 -11.55 9.16 3.34
CA ALA A 42 -11.69 8.48 4.62
C ALA A 42 -10.62 7.39 4.78
N LEU A 43 -10.33 6.71 3.67
CA LEU A 43 -9.34 5.64 3.68
C LEU A 43 -7.92 6.22 3.63
N ALA A 44 -7.81 7.51 3.35
CA ALA A 44 -6.52 8.18 3.28
C ALA A 44 -5.77 8.13 4.62
N PRO A 45 -6.40 8.62 5.70
CA PRO A 45 -5.78 8.62 7.04
C PRO A 45 -5.56 7.22 7.59
N LYS A 46 -6.45 6.29 7.26
CA LYS A 46 -6.35 4.92 7.74
C LYS A 46 -5.14 4.22 7.12
N TYR A 47 -5.10 4.18 5.80
CA TYR A 47 -3.99 3.53 5.10
C TYR A 47 -2.67 4.24 5.37
N GLU A 48 -2.76 5.55 5.63
CA GLU A 48 -1.57 6.36 5.90
C GLU A 48 -0.99 6.03 7.27
N GLU A 49 -1.87 5.76 8.24
CA GLU A 49 -1.42 5.44 9.59
C GLU A 49 -0.67 4.12 9.61
N LEU A 50 -1.35 3.03 9.26
CA LEU A 50 -0.74 1.71 9.24
C LEU A 50 0.50 1.69 8.34
N GLY A 51 0.48 2.53 7.32
CA GLY A 51 1.61 2.59 6.41
C GLY A 51 2.91 2.90 7.13
N ALA A 52 2.99 4.09 7.71
CA ALA A 52 4.19 4.51 8.44
C ALA A 52 4.37 3.66 9.69
N LEU A 53 3.27 3.07 10.18
CA LEU A 53 3.31 2.25 11.39
C LEU A 53 4.41 1.20 11.30
N TYR A 54 4.25 0.23 10.41
CA TYR A 54 5.23 -0.84 10.24
C TYR A 54 6.36 -0.42 9.31
N ALA A 55 6.04 0.46 8.36
CA ALA A 55 7.02 0.94 7.41
C ALA A 55 8.32 1.37 8.10
N LYS A 56 8.21 1.79 9.36
CA LYS A 56 9.38 2.23 10.10
C LYS A 56 9.50 1.56 11.48
N SER A 57 8.38 1.15 12.07
CA SER A 57 8.41 0.54 13.40
C SER A 57 8.83 -0.93 13.41
N GLU A 58 8.10 -1.78 12.68
CA GLU A 58 8.40 -3.22 12.66
C GLU A 58 9.25 -3.65 11.47
N PHE A 59 8.73 -3.42 10.27
CA PHE A 59 9.42 -3.82 9.05
C PHE A 59 10.10 -2.63 8.38
N LYS A 60 10.66 -1.75 9.21
CA LYS A 60 11.34 -0.56 8.72
C LYS A 60 12.21 -0.85 7.50
N ASP A 61 12.93 -1.98 7.54
CA ASP A 61 13.80 -2.36 6.42
C ASP A 61 13.36 -3.69 5.82
N ARG A 62 12.04 -3.92 5.78
CA ARG A 62 11.51 -5.16 5.24
C ARG A 62 10.20 -4.96 4.48
N VAL A 63 9.41 -3.96 4.89
CA VAL A 63 8.14 -3.69 4.24
C VAL A 63 8.12 -2.31 3.57
N VAL A 64 7.28 -2.16 2.56
CA VAL A 64 7.14 -0.91 1.84
C VAL A 64 5.70 -0.66 1.45
N ILE A 65 5.04 0.27 2.16
CA ILE A 65 3.65 0.59 1.89
C ILE A 65 3.52 1.97 1.24
N ALA A 66 3.19 1.97 -0.05
CA ALA A 66 3.04 3.23 -0.78
C ALA A 66 1.63 3.35 -1.35
N LYS A 67 1.25 4.58 -1.70
CA LYS A 67 -0.08 4.84 -2.26
C LYS A 67 0.04 5.61 -3.58
N VAL A 68 -0.58 5.06 -4.62
CA VAL A 68 -0.55 5.69 -5.93
C VAL A 68 -1.95 6.19 -6.33
N ASP A 69 -2.00 7.10 -7.28
CA ASP A 69 -3.26 7.66 -7.76
C ASP A 69 -3.57 7.17 -9.17
N ALA A 70 -4.86 7.03 -9.47
CA ALA A 70 -5.29 6.57 -10.78
C ALA A 70 -5.33 7.73 -11.79
N THR A 71 -4.92 8.92 -11.37
CA THR A 71 -4.92 10.08 -12.23
C THR A 71 -3.93 9.93 -13.39
N ALA A 72 -2.66 9.70 -13.07
CA ALA A 72 -1.64 9.55 -14.10
C ALA A 72 -0.38 8.88 -13.56
N ASN A 73 -0.14 7.65 -14.00
CA ASN A 73 1.03 6.90 -13.58
C ASN A 73 1.01 5.49 -14.16
N ASP A 74 1.97 4.67 -13.76
CA ASP A 74 2.05 3.29 -14.26
C ASP A 74 0.74 2.56 -14.04
N VAL A 75 0.52 2.08 -12.81
CA VAL A 75 -0.69 1.36 -12.44
C VAL A 75 -1.09 0.37 -13.54
N PRO A 76 -0.22 -0.59 -13.86
CA PRO A 76 -0.48 -1.61 -14.88
C PRO A 76 -1.71 -2.44 -14.56
N ASP A 77 -2.03 -2.56 -13.27
CA ASP A 77 -3.19 -3.33 -12.84
C ASP A 77 -4.49 -2.58 -13.13
N GLU A 78 -5.53 -3.33 -13.49
CA GLU A 78 -6.82 -2.75 -13.80
C GLU A 78 -7.63 -2.52 -12.53
N ILE A 79 -8.56 -1.57 -12.58
CA ILE A 79 -9.40 -1.26 -11.42
C ILE A 79 -10.84 -0.97 -11.83
N GLN A 80 -11.78 -1.39 -10.98
CA GLN A 80 -13.20 -1.13 -11.23
C GLN A 80 -13.48 0.33 -10.93
N GLY A 81 -12.88 0.79 -9.83
CA GLY A 81 -13.01 2.16 -9.40
C GLY A 81 -11.64 2.68 -9.00
N PHE A 82 -11.31 2.50 -7.72
CA PHE A 82 -10.00 2.88 -7.21
C PHE A 82 -9.75 2.34 -5.86
N PRO A 83 -10.57 2.71 -4.89
CA PRO A 83 -10.38 2.24 -3.55
C PRO A 83 -10.00 0.79 -3.53
N THR A 84 -8.78 0.61 -3.94
CA THR A 84 -8.17 -0.69 -4.11
C THR A 84 -6.98 -0.88 -3.16
N ILE A 85 -6.79 -2.14 -2.76
CA ILE A 85 -5.71 -2.48 -1.86
C ILE A 85 -5.08 -3.81 -2.27
N LYS A 86 -3.86 -3.75 -2.81
CA LYS A 86 -3.17 -4.95 -3.26
C LYS A 86 -1.93 -5.22 -2.40
N LEU A 87 -1.63 -6.50 -2.20
CA LEU A 87 -0.48 -6.90 -1.39
C LEU A 87 0.37 -7.91 -2.16
N TYR A 88 1.64 -7.56 -2.36
CA TYR A 88 2.58 -8.44 -3.06
C TYR A 88 3.43 -9.21 -2.06
N PRO A 89 3.19 -10.53 -1.92
CA PRO A 89 3.95 -11.38 -1.00
C PRO A 89 5.41 -11.52 -1.41
N ALA A 90 6.31 -11.22 -0.48
CA ALA A 90 7.75 -11.31 -0.74
C ALA A 90 8.14 -12.74 -1.11
N GLY A 91 8.61 -12.92 -2.34
CA GLY A 91 9.01 -14.23 -2.79
C GLY A 91 8.01 -14.84 -3.77
N ALA A 92 6.77 -14.40 -3.68
CA ALA A 92 5.71 -14.90 -4.55
C ALA A 92 5.27 -13.82 -5.54
N LYS A 93 6.02 -13.66 -6.62
CA LYS A 93 5.71 -12.67 -7.64
C LYS A 93 4.58 -13.15 -8.54
N GLY A 94 3.42 -13.42 -7.95
CA GLY A 94 2.29 -13.89 -8.72
C GLY A 94 1.13 -14.31 -7.84
N GLN A 95 0.91 -13.58 -6.76
CA GLN A 95 -0.18 -13.89 -5.83
C GLN A 95 -0.65 -12.64 -5.10
N PRO A 96 -0.95 -11.56 -5.85
CA PRO A 96 -1.42 -10.30 -5.27
C PRO A 96 -2.87 -10.37 -4.83
N VAL A 97 -3.12 -10.04 -3.56
CA VAL A 97 -4.47 -10.08 -3.02
C VAL A 97 -5.26 -8.83 -3.43
N THR A 98 -6.57 -8.96 -3.51
CA THR A 98 -7.43 -7.85 -3.90
C THR A 98 -8.57 -7.67 -2.91
N TYR A 99 -8.56 -6.54 -2.22
CA TYR A 99 -9.60 -6.24 -1.24
C TYR A 99 -10.91 -5.82 -1.92
N SER A 100 -12.02 -6.32 -1.41
CA SER A 100 -13.33 -6.01 -1.97
C SER A 100 -13.99 -4.85 -1.22
N GLY A 101 -13.17 -4.04 -0.56
CA GLY A 101 -13.71 -2.91 0.18
C GLY A 101 -13.21 -2.87 1.61
N SER A 102 -12.40 -1.87 1.92
CA SER A 102 -11.86 -1.71 3.28
C SER A 102 -12.97 -1.37 4.26
N ARG A 103 -13.06 -2.16 5.33
CA ARG A 103 -14.07 -1.93 6.35
C ARG A 103 -13.45 -1.33 7.61
N THR A 104 -12.27 -1.83 7.98
CA THR A 104 -11.57 -1.34 9.16
C THR A 104 -10.06 -1.46 8.99
N VAL A 105 -9.31 -0.88 9.92
CA VAL A 105 -7.86 -0.92 9.86
C VAL A 105 -7.33 -2.25 10.39
N GLU A 106 -7.98 -2.79 11.40
CA GLU A 106 -7.58 -4.06 11.99
C GLU A 106 -7.58 -5.18 10.94
N ASP A 107 -8.46 -5.04 9.95
CA ASP A 107 -8.57 -6.04 8.89
C ASP A 107 -7.45 -5.86 7.87
N LEU A 108 -7.15 -4.60 7.55
CA LEU A 108 -6.11 -4.30 6.57
C LEU A 108 -4.74 -4.76 7.06
N ILE A 109 -4.52 -4.62 8.37
CA ILE A 109 -3.25 -5.03 8.98
C ILE A 109 -3.13 -6.55 9.03
N LYS A 110 -4.17 -7.20 9.54
CA LYS A 110 -4.18 -8.65 9.64
C LYS A 110 -4.07 -9.31 8.27
N PHE A 111 -4.43 -8.57 7.23
CA PHE A 111 -4.37 -9.08 5.86
C PHE A 111 -2.94 -9.09 5.35
N ILE A 112 -2.23 -8.00 5.57
CA ILE A 112 -0.84 -7.88 5.12
C ILE A 112 0.02 -9.00 5.71
N ALA A 113 -0.26 -9.35 6.97
CA ALA A 113 0.49 -10.41 7.64
C ALA A 113 -0.07 -11.78 7.30
N GLU A 114 -1.33 -11.83 6.90
CA GLU A 114 -1.97 -13.09 6.54
C GLU A 114 -1.62 -13.51 5.12
N ASN A 115 -1.83 -12.59 4.18
CA ASN A 115 -1.53 -12.88 2.77
C ASN A 115 -0.06 -12.65 2.46
N GLY A 116 0.56 -11.71 3.19
CA GLY A 116 1.95 -11.41 2.98
C GLY A 116 2.86 -12.58 3.32
N LYS A 117 3.82 -12.85 2.43
CA LYS A 117 4.76 -13.95 2.64
C LYS A 117 5.73 -13.62 3.77
N TYR A 118 6.10 -12.35 3.86
CA TYR A 118 7.03 -11.90 4.90
C TYR A 118 6.31 -11.67 6.23
N LYS A 119 4.98 -11.65 6.19
CA LYS A 119 4.18 -11.44 7.39
C LYS A 119 4.45 -10.06 7.99
N ALA A 120 4.37 -9.03 7.15
CA ALA A 120 4.60 -7.66 7.59
C ALA A 120 3.56 -7.23 8.61
N ALA A 121 3.80 -7.55 9.88
CA ALA A 121 2.89 -7.21 10.95
C ALA A 121 3.44 -7.63 12.30
N GLY A 1 16.00 20.67 9.40
CA GLY A 1 14.97 21.45 8.65
C GLY A 1 13.57 21.21 9.17
N PRO A 2 12.63 22.15 8.91
CA PRO A 2 11.24 22.02 9.36
C PRO A 2 10.49 20.93 8.63
N LEU A 3 10.08 19.90 9.36
CA LEU A 3 9.35 18.78 8.77
C LEU A 3 8.78 17.87 9.86
N GLY A 4 9.67 17.27 10.64
CA GLY A 4 9.24 16.38 11.71
C GLY A 4 8.60 15.11 11.19
N SER A 5 7.31 15.18 10.88
CA SER A 5 6.58 14.03 10.37
C SER A 5 5.57 14.45 9.32
N GLU A 6 6.05 14.74 8.11
CA GLU A 6 5.18 15.17 7.02
C GLU A 6 5.31 14.20 5.84
N GLY A 7 5.58 12.94 6.13
CA GLY A 7 5.71 11.94 5.08
C GLY A 7 5.71 10.52 5.63
N PRO A 8 4.68 10.15 6.39
CA PRO A 8 4.57 8.80 6.97
C PRO A 8 4.33 7.73 5.90
N VAL A 9 3.40 8.00 5.00
CA VAL A 9 3.07 7.07 3.93
C VAL A 9 4.14 7.08 2.85
N THR A 10 4.31 5.95 2.18
CA THR A 10 5.30 5.83 1.11
C THR A 10 4.77 6.39 -0.20
N VAL A 11 5.65 7.03 -0.97
CA VAL A 11 5.28 7.61 -2.25
C VAL A 11 5.70 6.71 -3.41
N VAL A 12 4.72 6.24 -4.17
CA VAL A 12 4.99 5.37 -5.31
C VAL A 12 4.45 5.99 -6.60
N VAL A 13 5.36 6.56 -7.39
CA VAL A 13 4.98 7.17 -8.66
C VAL A 13 5.58 6.40 -9.83
N ALA A 14 5.02 6.61 -11.02
CA ALA A 14 5.50 5.93 -12.22
C ALA A 14 7.03 5.96 -12.31
N LYS A 15 7.64 6.98 -11.73
CA LYS A 15 9.08 7.12 -11.75
C LYS A 15 9.77 5.94 -11.05
N ASN A 16 9.13 5.43 -10.00
CA ASN A 16 9.69 4.32 -9.25
C ASN A 16 8.61 3.32 -8.85
N TYR A 17 7.52 3.28 -9.61
CA TYR A 17 6.42 2.36 -9.33
C TYR A 17 6.85 0.92 -9.54
N ASN A 18 7.55 0.67 -10.64
CA ASN A 18 8.02 -0.67 -10.97
C ASN A 18 9.05 -1.16 -9.97
N GLU A 19 10.11 -0.38 -9.78
CA GLU A 19 11.18 -0.76 -8.85
C GLU A 19 10.62 -1.14 -7.49
N ILE A 20 9.57 -0.46 -7.07
CA ILE A 20 8.95 -0.72 -5.76
C ILE A 20 8.15 -2.02 -5.77
N VAL A 21 6.95 -1.97 -6.36
CA VAL A 21 6.08 -3.14 -6.42
C VAL A 21 6.86 -4.40 -6.83
N LEU A 22 7.91 -4.20 -7.62
CA LEU A 22 8.74 -5.29 -8.09
C LEU A 22 9.53 -5.92 -6.93
N ASP A 23 10.07 -5.07 -6.06
CA ASP A 23 10.84 -5.53 -4.90
C ASP A 23 10.14 -6.69 -4.20
N ASP A 24 10.50 -7.92 -4.58
CA ASP A 24 9.91 -9.11 -3.99
C ASP A 24 10.63 -9.51 -2.71
N THR A 25 11.77 -8.88 -2.43
CA THR A 25 12.54 -9.18 -1.23
C THR A 25 11.82 -8.70 0.03
N LYS A 26 10.78 -7.89 -0.14
CA LYS A 26 10.03 -7.37 0.98
C LYS A 26 8.55 -7.29 0.66
N ASP A 27 7.72 -7.15 1.70
CA ASP A 27 6.27 -7.07 1.53
C ASP A 27 5.86 -5.65 1.12
N VAL A 28 5.10 -5.55 0.04
CA VAL A 28 4.65 -4.25 -0.46
C VAL A 28 3.14 -4.11 -0.34
N LEU A 29 2.68 -2.88 -0.12
CA LEU A 29 1.26 -2.60 0.01
C LEU A 29 0.89 -1.34 -0.76
N ILE A 30 0.28 -1.51 -1.93
CA ILE A 30 -0.12 -0.38 -2.76
C ILE A 30 -1.63 -0.19 -2.73
N GLU A 31 -2.06 1.06 -2.60
CA GLU A 31 -3.48 1.39 -2.56
C GLU A 31 -3.81 2.47 -3.58
N PHE A 32 -4.70 2.16 -4.51
CA PHE A 32 -5.08 3.12 -5.53
C PHE A 32 -6.37 3.85 -5.14
N TYR A 33 -6.46 5.12 -5.53
CA TYR A 33 -7.63 5.93 -5.19
C TYR A 33 -7.70 7.15 -6.11
N ALA A 34 -8.85 7.83 -6.08
CA ALA A 34 -9.04 9.02 -6.89
C ALA A 34 -9.10 10.27 -6.01
N PRO A 35 -8.53 11.39 -6.49
CA PRO A 35 -8.52 12.65 -5.73
C PRO A 35 -9.90 13.32 -5.68
N TRP A 36 -10.86 12.75 -6.40
CA TRP A 36 -12.22 13.28 -6.43
C TRP A 36 -13.18 12.39 -5.66
N CYS A 37 -12.85 11.11 -5.57
CA CYS A 37 -13.69 10.15 -4.86
C CYS A 37 -13.55 10.33 -3.35
N GLY A 38 -14.66 10.15 -2.63
CA GLY A 38 -14.64 10.29 -1.19
C GLY A 38 -14.14 9.04 -0.48
N HIS A 39 -14.23 7.90 -1.16
CA HIS A 39 -13.78 6.64 -0.59
C HIS A 39 -12.33 6.73 -0.12
N CYS A 40 -11.54 7.56 -0.80
CA CYS A 40 -10.14 7.74 -0.45
C CYS A 40 -9.99 8.40 0.92
N LYS A 41 -10.92 9.30 1.23
CA LYS A 41 -10.89 10.00 2.52
C LYS A 41 -11.05 9.02 3.67
N ALA A 42 -11.92 8.03 3.48
CA ALA A 42 -12.16 7.02 4.51
C ALA A 42 -10.94 6.11 4.69
N LEU A 43 -10.16 5.96 3.62
CA LEU A 43 -8.97 5.12 3.65
C LEU A 43 -7.70 5.96 3.79
N ALA A 44 -7.86 7.27 3.87
CA ALA A 44 -6.72 8.18 4.01
C ALA A 44 -6.05 8.04 5.37
N PRO A 45 -6.79 8.31 6.47
CA PRO A 45 -6.24 8.22 7.83
C PRO A 45 -6.00 6.77 8.25
N LYS A 46 -6.77 5.85 7.71
CA LYS A 46 -6.63 4.43 8.04
C LYS A 46 -5.35 3.86 7.43
N TYR A 47 -5.22 3.98 6.11
CA TYR A 47 -4.04 3.47 5.41
C TYR A 47 -2.79 4.23 5.83
N GLU A 48 -2.96 5.50 6.19
CA GLU A 48 -1.83 6.33 6.60
C GLU A 48 -1.28 5.87 7.94
N GLU A 49 -2.17 5.49 8.86
CA GLU A 49 -1.75 5.05 10.18
C GLU A 49 -0.97 3.73 10.09
N LEU A 50 -1.63 2.69 9.62
CA LEU A 50 -0.99 1.37 9.50
C LEU A 50 0.28 1.46 8.64
N GLY A 51 0.27 2.38 7.69
CA GLY A 51 1.43 2.55 6.82
C GLY A 51 2.69 2.81 7.60
N ALA A 52 2.73 3.95 8.28
CA ALA A 52 3.89 4.33 9.09
C ALA A 52 4.06 3.38 10.27
N LEU A 53 2.97 2.73 10.67
CA LEU A 53 2.99 1.81 11.80
C LEU A 53 4.12 0.78 11.66
N TYR A 54 3.99 -0.11 10.68
CA TYR A 54 5.00 -1.14 10.45
C TYR A 54 6.15 -0.61 9.59
N ALA A 55 5.84 0.34 8.72
CA ALA A 55 6.84 0.92 7.84
C ALA A 55 8.11 1.30 8.60
N LYS A 56 7.97 1.59 9.90
CA LYS A 56 9.12 1.98 10.71
C LYS A 56 9.20 1.18 12.03
N SER A 57 8.07 0.71 12.53
CA SER A 57 8.07 -0.01 13.82
C SER A 57 8.52 -1.48 13.71
N GLU A 58 7.83 -2.27 12.90
CA GLU A 58 8.15 -3.69 12.78
C GLU A 58 9.04 -4.03 11.58
N PHE A 59 8.56 -3.72 10.39
CA PHE A 59 9.30 -4.01 9.16
C PHE A 59 9.93 -2.76 8.59
N LYS A 60 10.46 -1.92 9.47
CA LYS A 60 11.10 -0.67 9.07
C LYS A 60 11.99 -0.86 7.84
N ASP A 61 12.67 -2.00 7.79
CA ASP A 61 13.54 -2.30 6.66
C ASP A 61 13.09 -3.55 5.91
N ARG A 62 11.78 -3.82 5.95
CA ARG A 62 11.24 -5.00 5.29
C ARG A 62 9.83 -4.77 4.75
N VAL A 63 9.32 -3.54 4.82
CA VAL A 63 7.98 -3.24 4.33
C VAL A 63 7.90 -1.85 3.72
N VAL A 64 7.05 -1.71 2.71
CA VAL A 64 6.85 -0.43 2.04
C VAL A 64 5.39 -0.24 1.63
N ILE A 65 4.69 0.61 2.37
CA ILE A 65 3.28 0.87 2.09
C ILE A 65 3.09 2.25 1.46
N ALA A 66 2.78 2.26 0.17
CA ALA A 66 2.60 3.52 -0.55
C ALA A 66 1.18 3.63 -1.12
N LYS A 67 0.79 4.85 -1.48
CA LYS A 67 -0.53 5.10 -2.04
C LYS A 67 -0.41 5.87 -3.36
N VAL A 68 -1.01 5.31 -4.41
CA VAL A 68 -0.97 5.93 -5.73
C VAL A 68 -2.37 6.32 -6.18
N ASP A 69 -2.45 7.23 -7.15
CA ASP A 69 -3.73 7.68 -7.67
C ASP A 69 -3.93 7.19 -9.10
N ALA A 70 -5.19 6.97 -9.47
CA ALA A 70 -5.52 6.50 -10.81
C ALA A 70 -5.54 7.64 -11.82
N THR A 71 -5.22 8.85 -11.37
CA THR A 71 -5.22 10.02 -12.24
C THR A 71 -4.14 9.91 -13.33
N ALA A 72 -2.89 9.80 -12.93
CA ALA A 72 -1.79 9.70 -13.90
C ALA A 72 -0.54 9.12 -13.27
N ASN A 73 -0.20 7.89 -13.67
CA ASN A 73 0.98 7.21 -13.16
C ASN A 73 1.05 5.78 -13.70
N ASP A 74 2.03 5.02 -13.22
CA ASP A 74 2.21 3.64 -13.66
C ASP A 74 0.89 2.86 -13.57
N VAL A 75 0.54 2.47 -12.35
CA VAL A 75 -0.70 1.73 -12.11
C VAL A 75 -0.95 0.66 -13.18
N PRO A 76 0.04 -0.21 -13.43
CA PRO A 76 -0.07 -1.29 -14.42
C PRO A 76 -1.22 -2.24 -14.12
N ASP A 77 -1.58 -2.34 -12.85
CA ASP A 77 -2.67 -3.22 -12.43
C ASP A 77 -4.02 -2.67 -12.89
N GLU A 78 -4.99 -3.58 -13.03
CA GLU A 78 -6.33 -3.18 -13.46
C GLU A 78 -7.20 -2.80 -12.27
N ILE A 79 -8.16 -1.91 -12.51
CA ILE A 79 -9.06 -1.46 -11.44
C ILE A 79 -10.48 -1.27 -11.96
N GLN A 80 -11.45 -1.74 -11.17
CA GLN A 80 -12.85 -1.58 -11.53
C GLN A 80 -13.27 -0.14 -11.26
N GLY A 81 -12.82 0.35 -10.11
CA GLY A 81 -13.07 1.72 -9.71
C GLY A 81 -11.77 2.35 -9.26
N PHE A 82 -11.45 2.17 -7.98
CA PHE A 82 -10.19 2.65 -7.42
C PHE A 82 -9.94 2.14 -6.07
N PRO A 83 -10.83 2.43 -5.13
CA PRO A 83 -10.66 1.98 -3.77
C PRO A 83 -10.21 0.54 -3.76
N THR A 84 -8.96 0.42 -4.12
CA THR A 84 -8.28 -0.83 -4.29
C THR A 84 -7.13 -1.00 -3.32
N ILE A 85 -6.90 -2.24 -2.91
CA ILE A 85 -5.82 -2.56 -1.99
C ILE A 85 -5.13 -3.86 -2.39
N LYS A 86 -3.92 -3.74 -2.91
CA LYS A 86 -3.16 -4.91 -3.35
C LYS A 86 -1.98 -5.18 -2.43
N LEU A 87 -1.63 -6.46 -2.30
CA LEU A 87 -0.52 -6.87 -1.46
C LEU A 87 0.43 -7.80 -2.22
N TYR A 88 1.67 -7.37 -2.37
CA TYR A 88 2.67 -8.16 -3.08
C TYR A 88 3.48 -9.01 -2.11
N PRO A 89 3.22 -10.34 -2.08
CA PRO A 89 3.93 -11.26 -1.19
C PRO A 89 5.41 -11.39 -1.54
N ALA A 90 6.26 -11.07 -0.57
CA ALA A 90 7.70 -11.15 -0.77
C ALA A 90 8.14 -12.57 -1.07
N GLY A 91 8.89 -12.75 -2.16
CA GLY A 91 9.35 -14.06 -2.55
C GLY A 91 8.45 -14.71 -3.58
N ALA A 92 7.17 -14.36 -3.55
CA ALA A 92 6.20 -14.92 -4.49
C ALA A 92 5.74 -13.85 -5.48
N LYS A 93 6.60 -13.53 -6.44
CA LYS A 93 6.28 -12.53 -7.44
C LYS A 93 5.22 -13.05 -8.42
N GLY A 94 4.02 -13.28 -7.90
CA GLY A 94 2.93 -13.78 -8.73
C GLY A 94 1.74 -14.25 -7.91
N GLN A 95 1.43 -13.52 -6.85
CA GLN A 95 0.31 -13.88 -5.99
C GLN A 95 -0.23 -12.65 -5.25
N PRO A 96 -0.52 -11.57 -5.99
CA PRO A 96 -1.05 -10.34 -5.39
C PRO A 96 -2.53 -10.45 -5.06
N VAL A 97 -2.91 -10.00 -3.87
CA VAL A 97 -4.31 -10.06 -3.45
C VAL A 97 -5.07 -8.82 -3.91
N THR A 98 -6.38 -8.97 -4.10
CA THR A 98 -7.21 -7.87 -4.54
C THR A 98 -8.40 -7.69 -3.60
N TYR A 99 -8.46 -6.53 -2.95
CA TYR A 99 -9.54 -6.22 -2.02
C TYR A 99 -10.72 -5.58 -2.75
N SER A 100 -11.93 -5.98 -2.40
CA SER A 100 -13.14 -5.45 -3.01
C SER A 100 -13.72 -4.31 -2.17
N GLY A 101 -12.89 -3.70 -1.35
CA GLY A 101 -13.34 -2.60 -0.50
C GLY A 101 -13.16 -2.89 0.97
N SER A 102 -12.28 -2.14 1.61
CA SER A 102 -12.02 -2.32 3.04
C SER A 102 -13.06 -1.60 3.88
N ARG A 103 -13.44 -2.20 5.00
CA ARG A 103 -14.43 -1.62 5.89
C ARG A 103 -13.81 -1.18 7.21
N THR A 104 -12.75 -1.88 7.62
CA THR A 104 -12.05 -1.54 8.86
C THR A 104 -10.55 -1.72 8.70
N VAL A 105 -9.79 -1.17 9.65
CA VAL A 105 -8.34 -1.26 9.61
C VAL A 105 -7.85 -2.60 10.13
N GLU A 106 -8.58 -3.16 11.08
CA GLU A 106 -8.22 -4.46 11.67
C GLU A 106 -8.19 -5.55 10.60
N ASP A 107 -9.01 -5.38 9.56
CA ASP A 107 -9.06 -6.35 8.47
C ASP A 107 -7.93 -6.12 7.48
N LEU A 108 -7.62 -4.85 7.22
CA LEU A 108 -6.56 -4.49 6.29
C LEU A 108 -5.20 -4.99 6.80
N ILE A 109 -4.99 -4.89 8.11
CA ILE A 109 -3.74 -5.32 8.72
C ILE A 109 -3.63 -6.85 8.70
N LYS A 110 -4.68 -7.52 9.16
CA LYS A 110 -4.70 -8.98 9.19
C LYS A 110 -4.53 -9.56 7.79
N PHE A 111 -4.89 -8.77 6.78
CA PHE A 111 -4.78 -9.21 5.39
C PHE A 111 -3.33 -9.24 4.94
N ILE A 112 -2.60 -8.16 5.23
CA ILE A 112 -1.20 -8.04 4.85
C ILE A 112 -0.39 -9.21 5.38
N ALA A 113 -0.65 -9.58 6.64
CA ALA A 113 0.07 -10.69 7.27
C ALA A 113 -0.51 -12.03 6.84
N GLU A 114 -1.75 -12.03 6.34
CA GLU A 114 -2.40 -13.25 5.91
C GLU A 114 -1.88 -13.70 4.54
N ASN A 115 -1.89 -12.79 3.58
CA ASN A 115 -1.43 -13.09 2.24
C ASN A 115 0.07 -12.81 2.10
N GLY A 116 0.52 -11.74 2.76
CA GLY A 116 1.92 -11.38 2.71
C GLY A 116 2.83 -12.48 3.22
N LYS A 117 3.64 -13.03 2.33
CA LYS A 117 4.56 -14.10 2.70
C LYS A 117 5.48 -13.66 3.84
N TYR A 118 5.94 -12.42 3.78
CA TYR A 118 6.81 -11.88 4.82
C TYR A 118 6.04 -11.63 6.11
N LYS A 119 4.71 -11.68 6.03
CA LYS A 119 3.86 -11.48 7.20
C LYS A 119 4.06 -10.08 7.76
N ALA A 120 3.84 -9.06 6.92
CA ALA A 120 3.99 -7.68 7.34
C ALA A 120 2.93 -7.28 8.37
N ALA A 121 3.09 -7.78 9.59
CA ALA A 121 2.15 -7.49 10.66
C ALA A 121 2.57 -8.18 11.96
N GLY A 1 12.37 23.70 13.33
CA GLY A 1 11.92 24.20 12.00
C GLY A 1 10.83 23.36 11.39
N PRO A 2 11.14 22.12 10.96
CA PRO A 2 10.16 21.22 10.37
C PRO A 2 9.15 20.71 11.39
N LEU A 3 8.32 19.76 10.97
CA LEU A 3 7.31 19.19 11.85
C LEU A 3 7.56 17.71 12.11
N GLY A 4 8.42 17.09 11.30
CA GLY A 4 8.74 15.69 11.47
C GLY A 4 8.24 14.83 10.32
N SER A 5 8.52 15.27 9.10
CA SER A 5 8.10 14.54 7.91
C SER A 5 9.08 13.40 7.60
N GLU A 6 8.92 12.30 8.31
CA GLU A 6 9.78 11.13 8.10
C GLU A 6 9.35 10.34 6.88
N GLY A 7 8.29 9.55 7.04
CA GLY A 7 7.79 8.76 5.93
C GLY A 7 6.57 7.93 6.32
N PRO A 8 5.47 8.59 6.71
CA PRO A 8 4.24 7.90 7.11
C PRO A 8 3.69 7.02 5.99
N VAL A 9 3.89 7.46 4.75
CA VAL A 9 3.41 6.71 3.59
C VAL A 9 4.39 6.81 2.42
N THR A 10 4.70 5.68 1.81
CA THR A 10 5.62 5.63 0.68
C THR A 10 4.97 6.20 -0.58
N VAL A 11 5.76 6.91 -1.38
CA VAL A 11 5.26 7.50 -2.61
C VAL A 11 5.65 6.66 -3.82
N VAL A 12 4.66 6.00 -4.42
CA VAL A 12 4.89 5.17 -5.59
C VAL A 12 4.35 5.84 -6.85
N VAL A 13 5.27 6.25 -7.72
CA VAL A 13 4.91 6.90 -8.97
C VAL A 13 5.45 6.12 -10.16
N ALA A 14 4.91 6.38 -11.34
CA ALA A 14 5.35 5.70 -12.55
C ALA A 14 6.88 5.73 -12.67
N LYS A 15 7.49 6.74 -12.07
CA LYS A 15 8.93 6.89 -12.10
C LYS A 15 9.64 5.75 -11.37
N ASN A 16 9.00 5.25 -10.31
CA ASN A 16 9.58 4.16 -9.52
C ASN A 16 8.52 3.14 -9.10
N TYR A 17 7.46 3.03 -9.91
CA TYR A 17 6.38 2.09 -9.62
C TYR A 17 6.86 0.66 -9.76
N ASN A 18 7.57 0.40 -10.86
CA ASN A 18 8.09 -0.93 -11.12
C ASN A 18 9.12 -1.35 -10.09
N GLU A 19 10.15 -0.54 -9.91
CA GLU A 19 11.21 -0.85 -8.94
C GLU A 19 10.63 -1.21 -7.57
N ILE A 20 9.54 -0.54 -7.21
CA ILE A 20 8.90 -0.78 -5.91
C ILE A 20 8.14 -2.10 -5.89
N VAL A 21 6.94 -2.11 -6.47
CA VAL A 21 6.10 -3.30 -6.52
C VAL A 21 6.93 -4.55 -6.88
N LEU A 22 7.98 -4.34 -7.67
CA LEU A 22 8.86 -5.43 -8.08
C LEU A 22 9.63 -6.00 -6.90
N ASP A 23 10.14 -5.10 -6.04
CA ASP A 23 10.92 -5.51 -4.87
C ASP A 23 10.24 -6.66 -4.13
N ASP A 24 10.62 -7.89 -4.47
CA ASP A 24 10.07 -9.08 -3.85
C ASP A 24 10.78 -9.42 -2.54
N THR A 25 11.90 -8.74 -2.29
CA THR A 25 12.68 -8.99 -1.08
C THR A 25 11.96 -8.48 0.17
N LYS A 26 10.88 -7.73 -0.03
CA LYS A 26 10.11 -7.18 1.08
C LYS A 26 8.62 -7.17 0.77
N ASP A 27 7.81 -6.90 1.79
CA ASP A 27 6.36 -6.85 1.63
C ASP A 27 5.93 -5.50 1.05
N VAL A 28 5.14 -5.54 -0.02
CA VAL A 28 4.67 -4.32 -0.67
C VAL A 28 3.15 -4.18 -0.54
N LEU A 29 2.71 -2.94 -0.29
CA LEU A 29 1.29 -2.66 -0.15
C LEU A 29 0.92 -1.41 -0.94
N ILE A 30 0.39 -1.61 -2.15
CA ILE A 30 0.01 -0.49 -3.01
C ILE A 30 -1.50 -0.26 -2.99
N GLU A 31 -1.90 1.00 -2.83
CA GLU A 31 -3.31 1.36 -2.81
C GLU A 31 -3.61 2.43 -3.85
N PHE A 32 -4.51 2.13 -4.79
CA PHE A 32 -4.87 3.09 -5.83
C PHE A 32 -6.11 3.88 -5.44
N TYR A 33 -6.17 5.13 -5.88
CA TYR A 33 -7.31 5.99 -5.59
C TYR A 33 -7.33 7.21 -6.50
N ALA A 34 -8.46 7.89 -6.54
CA ALA A 34 -8.60 9.08 -7.37
C ALA A 34 -8.67 10.34 -6.51
N PRO A 35 -8.15 11.48 -7.03
CA PRO A 35 -8.16 12.74 -6.30
C PRO A 35 -9.53 13.41 -6.28
N TRP A 36 -10.53 12.75 -6.86
CA TRP A 36 -11.89 13.29 -6.91
C TRP A 36 -12.86 12.40 -6.13
N CYS A 37 -12.49 11.14 -5.93
CA CYS A 37 -13.34 10.19 -5.21
C CYS A 37 -13.40 10.54 -3.72
N GLY A 38 -14.60 10.52 -3.16
CA GLY A 38 -14.76 10.83 -1.75
C GLY A 38 -14.48 9.63 -0.86
N HIS A 39 -14.77 8.44 -1.37
CA HIS A 39 -14.56 7.21 -0.61
C HIS A 39 -13.08 7.05 -0.25
N CYS A 40 -12.21 7.31 -1.21
CA CYS A 40 -10.77 7.19 -0.98
C CYS A 40 -10.29 8.22 0.04
N LYS A 41 -10.95 9.37 0.08
CA LYS A 41 -10.59 10.43 1.02
C LYS A 41 -10.65 9.91 2.44
N ALA A 42 -11.65 9.08 2.72
CA ALA A 42 -11.83 8.51 4.05
C ALA A 42 -10.76 7.45 4.32
N LEU A 43 -10.30 6.80 3.25
CA LEU A 43 -9.27 5.76 3.37
C LEU A 43 -7.87 6.38 3.45
N ALA A 44 -7.80 7.71 3.42
CA ALA A 44 -6.52 8.40 3.48
C ALA A 44 -5.85 8.22 4.85
N PRO A 45 -6.51 8.69 5.93
CA PRO A 45 -5.98 8.57 7.29
C PRO A 45 -5.78 7.12 7.72
N LYS A 46 -6.67 6.24 7.26
CA LYS A 46 -6.59 4.82 7.59
C LYS A 46 -5.35 4.19 6.96
N TYR A 47 -5.20 4.38 5.65
CA TYR A 47 -4.05 3.83 4.94
C TYR A 47 -2.75 4.41 5.47
N GLU A 48 -2.83 5.63 5.99
CA GLU A 48 -1.64 6.30 6.54
C GLU A 48 -1.28 5.71 7.90
N GLU A 49 -2.28 5.24 8.63
CA GLU A 49 -2.06 4.66 9.95
C GLU A 49 -1.29 3.35 9.83
N LEU A 50 -1.90 2.36 9.16
CA LEU A 50 -1.28 1.06 8.96
C LEU A 50 0.04 1.19 8.19
N GLY A 51 0.03 2.06 7.17
CA GLY A 51 1.22 2.26 6.37
C GLY A 51 2.47 2.49 7.20
N ALA A 52 2.50 3.62 7.91
CA ALA A 52 3.64 3.95 8.77
C ALA A 52 3.74 2.97 9.94
N LEU A 53 2.62 2.36 10.28
CA LEU A 53 2.56 1.40 11.39
C LEU A 53 3.71 0.40 11.31
N TYR A 54 3.65 -0.48 10.31
CA TYR A 54 4.69 -1.49 10.13
C TYR A 54 5.87 -0.93 9.34
N ALA A 55 5.58 -0.03 8.42
CA ALA A 55 6.61 0.56 7.59
C ALA A 55 7.80 1.05 8.40
N LYS A 56 7.55 1.44 9.65
CA LYS A 56 8.63 1.93 10.52
C LYS A 56 8.66 1.25 11.90
N SER A 57 7.51 0.80 12.39
CA SER A 57 7.47 0.20 13.73
C SER A 57 7.96 -1.26 13.77
N GLU A 58 7.31 -2.13 13.01
CA GLU A 58 7.68 -3.55 13.02
C GLU A 58 8.60 -3.95 11.88
N PHE A 59 8.13 -3.75 10.65
CA PHE A 59 8.90 -4.11 9.46
C PHE A 59 9.56 -2.89 8.84
N LYS A 60 10.07 -2.01 9.70
CA LYS A 60 10.72 -0.78 9.26
C LYS A 60 11.64 -1.03 8.07
N ASP A 61 12.36 -2.14 8.10
CA ASP A 61 13.28 -2.50 7.02
C ASP A 61 12.87 -3.81 6.36
N ARG A 62 11.57 -4.10 6.36
CA ARG A 62 11.07 -5.33 5.77
C ARG A 62 9.81 -5.09 4.92
N VAL A 63 9.01 -4.10 5.29
CA VAL A 63 7.78 -3.80 4.56
C VAL A 63 7.83 -2.43 3.88
N VAL A 64 7.05 -2.27 2.82
CA VAL A 64 7.00 -1.02 2.08
C VAL A 64 5.58 -0.74 1.59
N ILE A 65 4.90 0.22 2.22
CA ILE A 65 3.54 0.57 1.85
C ILE A 65 3.46 1.93 1.20
N ALA A 66 2.98 1.97 -0.04
CA ALA A 66 2.85 3.21 -0.79
C ALA A 66 1.44 3.37 -1.36
N LYS A 67 1.14 4.57 -1.84
CA LYS A 67 -0.16 4.86 -2.43
C LYS A 67 -0.02 5.61 -3.75
N VAL A 68 -0.72 5.13 -4.77
CA VAL A 68 -0.67 5.75 -6.09
C VAL A 68 -2.06 6.22 -6.53
N ASP A 69 -2.10 7.13 -7.50
CA ASP A 69 -3.36 7.65 -8.00
C ASP A 69 -3.64 7.15 -9.41
N ALA A 70 -4.93 7.01 -9.73
CA ALA A 70 -5.34 6.54 -11.06
C ALA A 70 -5.34 7.65 -12.09
N THR A 71 -4.92 8.85 -11.67
CA THR A 71 -4.88 10.00 -12.56
C THR A 71 -3.86 9.80 -13.68
N ALA A 72 -2.64 9.39 -13.32
CA ALA A 72 -1.60 9.17 -14.32
C ALA A 72 -0.36 8.54 -13.69
N ASN A 73 -0.05 7.32 -14.13
CA ASN A 73 1.11 6.60 -13.62
C ASN A 73 1.09 5.15 -14.11
N ASP A 74 2.04 4.34 -13.63
CA ASP A 74 2.11 2.95 -14.03
C ASP A 74 0.77 2.24 -13.84
N VAL A 75 0.42 1.95 -12.59
CA VAL A 75 -0.84 1.29 -12.26
C VAL A 75 -1.18 0.17 -13.26
N PRO A 76 -0.23 -0.76 -13.48
CA PRO A 76 -0.43 -1.89 -14.40
C PRO A 76 -1.51 -2.85 -13.92
N ASP A 77 -1.72 -2.90 -12.61
CA ASP A 77 -2.72 -3.79 -12.03
C ASP A 77 -4.11 -3.49 -12.58
N GLU A 78 -5.08 -4.32 -12.21
CA GLU A 78 -6.46 -4.14 -12.67
C GLU A 78 -7.30 -3.47 -11.59
N ILE A 79 -8.23 -2.62 -12.02
CA ILE A 79 -9.10 -1.91 -11.10
C ILE A 79 -10.51 -1.76 -11.67
N GLN A 80 -11.51 -1.99 -10.83
CA GLN A 80 -12.91 -1.84 -11.23
C GLN A 80 -13.31 -0.37 -11.13
N GLY A 81 -12.65 0.33 -10.21
CA GLY A 81 -12.88 1.74 -9.99
C GLY A 81 -11.59 2.40 -9.55
N PHE A 82 -11.29 2.28 -8.26
CA PHE A 82 -10.06 2.81 -7.69
C PHE A 82 -9.82 2.33 -6.32
N PRO A 83 -10.72 2.64 -5.40
CA PRO A 83 -10.55 2.22 -4.03
C PRO A 83 -10.13 0.78 -4.00
N THR A 84 -8.89 0.63 -4.36
CA THR A 84 -8.24 -0.65 -4.52
C THR A 84 -7.08 -0.83 -3.53
N ILE A 85 -6.88 -2.07 -3.13
CA ILE A 85 -5.82 -2.42 -2.21
C ILE A 85 -5.19 -3.76 -2.61
N LYS A 86 -3.92 -3.71 -3.00
CA LYS A 86 -3.20 -4.91 -3.42
C LYS A 86 -1.99 -5.17 -2.53
N LEU A 87 -1.66 -6.45 -2.35
CA LEU A 87 -0.53 -6.84 -1.53
C LEU A 87 0.38 -7.80 -2.28
N TYR A 88 1.64 -7.43 -2.42
CA TYR A 88 2.62 -8.27 -3.13
C TYR A 88 3.46 -9.06 -2.12
N PRO A 89 3.23 -10.39 -2.03
CA PRO A 89 3.98 -11.24 -1.10
C PRO A 89 5.43 -11.42 -1.54
N ALA A 90 6.36 -11.10 -0.64
CA ALA A 90 7.78 -11.22 -0.93
C ALA A 90 8.14 -12.64 -1.36
N GLY A 91 8.72 -12.76 -2.55
CA GLY A 91 9.11 -14.07 -3.05
C GLY A 91 8.09 -14.64 -4.01
N ALA A 92 6.84 -14.19 -3.89
CA ALA A 92 5.77 -14.65 -4.77
C ALA A 92 5.44 -13.62 -5.84
N LYS A 93 6.33 -13.46 -6.81
CA LYS A 93 6.13 -12.51 -7.90
C LYS A 93 5.01 -12.98 -8.81
N GLY A 94 3.77 -12.90 -8.31
CA GLY A 94 2.63 -13.32 -9.12
C GLY A 94 1.45 -13.72 -8.26
N GLN A 95 1.20 -12.98 -7.19
CA GLN A 95 0.09 -13.27 -6.30
C GLN A 95 -0.56 -11.98 -5.79
N PRO A 96 -0.92 -11.06 -6.69
CA PRO A 96 -1.55 -9.78 -6.31
C PRO A 96 -2.85 -9.98 -5.56
N VAL A 97 -2.91 -9.47 -4.33
CA VAL A 97 -4.10 -9.59 -3.51
C VAL A 97 -5.16 -8.58 -3.95
N THR A 98 -6.41 -8.98 -3.88
CA THR A 98 -7.52 -8.11 -4.27
C THR A 98 -8.49 -7.92 -3.10
N TYR A 99 -8.53 -6.71 -2.58
CA TYR A 99 -9.41 -6.41 -1.45
C TYR A 99 -10.87 -6.40 -1.89
N SER A 100 -11.73 -6.98 -1.05
CA SER A 100 -13.16 -7.05 -1.34
C SER A 100 -13.87 -5.77 -0.91
N GLY A 101 -13.37 -5.17 0.17
CA GLY A 101 -13.98 -3.95 0.67
C GLY A 101 -13.50 -3.60 2.08
N SER A 102 -12.37 -2.88 2.15
CA SER A 102 -11.82 -2.49 3.44
C SER A 102 -12.80 -1.64 4.22
N ARG A 103 -13.45 -2.25 5.22
CA ARG A 103 -14.41 -1.55 6.05
C ARG A 103 -13.74 -0.90 7.25
N THR A 104 -12.62 -1.49 7.68
CA THR A 104 -11.88 -0.96 8.81
C THR A 104 -10.38 -1.18 8.64
N VAL A 105 -9.59 -0.68 9.58
CA VAL A 105 -8.15 -0.82 9.54
C VAL A 105 -7.71 -2.19 10.04
N GLU A 106 -8.20 -2.57 11.22
CA GLU A 106 -7.86 -3.86 11.83
C GLU A 106 -7.92 -5.00 10.80
N ASP A 107 -8.81 -4.84 9.82
CA ASP A 107 -8.97 -5.87 8.79
C ASP A 107 -7.91 -5.71 7.71
N LEU A 108 -7.61 -4.47 7.35
CA LEU A 108 -6.60 -4.18 6.34
C LEU A 108 -5.24 -4.75 6.74
N ILE A 109 -4.93 -4.60 8.03
CA ILE A 109 -3.66 -5.08 8.57
C ILE A 109 -3.60 -6.59 8.59
N LYS A 110 -4.67 -7.22 9.08
CA LYS A 110 -4.74 -8.67 9.16
C LYS A 110 -4.56 -9.32 7.79
N PHE A 111 -4.86 -8.55 6.74
CA PHE A 111 -4.72 -9.04 5.37
C PHE A 111 -3.26 -9.10 4.97
N ILE A 112 -2.57 -7.96 5.11
CA ILE A 112 -1.15 -7.87 4.76
C ILE A 112 -0.37 -9.05 5.31
N ALA A 113 -0.69 -9.45 6.54
CA ALA A 113 -0.02 -10.57 7.20
C ALA A 113 -0.63 -11.91 6.78
N GLU A 114 -1.86 -11.88 6.29
CA GLU A 114 -2.55 -13.09 5.87
C GLU A 114 -2.03 -13.60 4.52
N ASN A 115 -1.88 -12.69 3.56
CA ASN A 115 -1.39 -13.05 2.24
C ASN A 115 0.10 -12.75 2.09
N GLY A 116 0.55 -11.71 2.79
CA GLY A 116 1.95 -11.34 2.71
C GLY A 116 2.88 -12.47 3.13
N LYS A 117 3.77 -12.85 2.22
CA LYS A 117 4.72 -13.93 2.49
C LYS A 117 5.56 -13.60 3.73
N TYR A 118 6.00 -12.35 3.82
CA TYR A 118 6.81 -11.91 4.95
C TYR A 118 5.96 -11.77 6.21
N LYS A 119 4.65 -11.73 6.03
CA LYS A 119 3.73 -11.60 7.16
C LYS A 119 3.93 -10.25 7.87
N ALA A 120 3.79 -9.17 7.11
CA ALA A 120 3.96 -7.83 7.66
C ALA A 120 2.98 -7.56 8.79
N ALA A 121 3.33 -8.00 10.00
CA ALA A 121 2.49 -7.80 11.17
C ALA A 121 3.12 -8.43 12.40
N GLY A 1 5.64 22.52 13.14
CA GLY A 1 6.98 23.17 13.11
C GLY A 1 7.99 22.42 12.27
N PRO A 2 9.22 22.92 12.16
CA PRO A 2 10.28 22.28 11.37
C PRO A 2 10.45 20.80 11.75
N LEU A 3 10.45 19.93 10.74
CA LEU A 3 10.61 18.51 10.96
C LEU A 3 11.86 17.98 10.25
N GLY A 4 11.81 17.96 8.92
CA GLY A 4 12.94 17.49 8.15
C GLY A 4 12.56 16.39 7.18
N SER A 5 12.87 15.15 7.53
CA SER A 5 12.56 14.00 6.68
C SER A 5 11.05 13.89 6.45
N GLU A 6 10.33 13.42 7.46
CA GLU A 6 8.89 13.26 7.38
C GLU A 6 8.51 12.29 6.27
N GLY A 7 7.34 11.68 6.40
CA GLY A 7 6.89 10.73 5.40
C GLY A 7 6.31 9.47 6.01
N PRO A 8 5.08 9.52 6.54
CA PRO A 8 4.43 8.36 7.16
C PRO A 8 4.05 7.29 6.14
N VAL A 9 3.46 7.73 5.03
CA VAL A 9 3.04 6.82 3.97
C VAL A 9 3.92 6.96 2.74
N THR A 10 4.53 5.85 2.33
CA THR A 10 5.40 5.85 1.16
C THR A 10 4.66 6.32 -0.09
N VAL A 11 5.36 7.06 -0.94
CA VAL A 11 4.76 7.58 -2.16
C VAL A 11 5.13 6.72 -3.37
N VAL A 12 4.14 6.44 -4.21
CA VAL A 12 4.36 5.64 -5.41
C VAL A 12 3.98 6.44 -6.67
N VAL A 13 4.74 6.25 -7.73
CA VAL A 13 4.50 6.94 -8.98
C VAL A 13 5.07 6.15 -10.15
N ALA A 14 4.65 6.50 -11.37
CA ALA A 14 5.15 5.83 -12.56
C ALA A 14 6.68 5.82 -12.60
N LYS A 15 7.29 6.76 -11.90
CA LYS A 15 8.74 6.87 -11.85
C LYS A 15 9.36 5.76 -11.01
N ASN A 16 8.65 5.32 -9.98
CA ASN A 16 9.15 4.27 -9.10
C ASN A 16 8.08 3.22 -8.78
N TYR A 17 7.09 3.12 -9.65
CA TYR A 17 6.02 2.15 -9.45
C TYR A 17 6.53 0.73 -9.64
N ASN A 18 7.32 0.54 -10.69
CA ASN A 18 7.88 -0.76 -11.00
C ASN A 18 8.91 -1.18 -9.96
N GLU A 19 9.92 -0.35 -9.77
CA GLU A 19 10.98 -0.66 -8.81
C GLU A 19 10.42 -1.08 -7.44
N ILE A 20 9.32 -0.46 -7.05
CA ILE A 20 8.69 -0.75 -5.77
C ILE A 20 7.97 -2.10 -5.80
N VAL A 21 6.77 -2.10 -6.37
CA VAL A 21 5.96 -3.32 -6.46
C VAL A 21 6.80 -4.53 -6.87
N LEU A 22 7.84 -4.27 -7.65
CA LEU A 22 8.73 -5.32 -8.13
C LEU A 22 9.53 -5.93 -6.97
N ASP A 23 10.04 -5.08 -6.10
CA ASP A 23 10.83 -5.53 -4.94
C ASP A 23 10.15 -6.71 -4.24
N ASP A 24 10.54 -7.92 -4.62
CA ASP A 24 9.97 -9.13 -4.04
C ASP A 24 10.69 -9.51 -2.75
N THR A 25 11.85 -8.93 -2.52
CA THR A 25 12.62 -9.22 -1.31
C THR A 25 11.95 -8.62 -0.07
N LYS A 26 10.97 -7.75 -0.29
CA LYS A 26 10.26 -7.10 0.80
C LYS A 26 8.75 -7.13 0.57
N ASP A 27 7.99 -6.85 1.62
CA ASP A 27 6.53 -6.84 1.53
C ASP A 27 6.05 -5.52 0.93
N VAL A 28 5.18 -5.59 -0.06
CA VAL A 28 4.65 -4.40 -0.71
C VAL A 28 3.15 -4.27 -0.53
N LEU A 29 2.70 -3.05 -0.23
CA LEU A 29 1.28 -2.77 -0.04
C LEU A 29 0.90 -1.50 -0.79
N ILE A 30 0.29 -1.67 -1.97
CA ILE A 30 -0.11 -0.52 -2.77
C ILE A 30 -1.62 -0.29 -2.72
N GLU A 31 -2.01 0.97 -2.66
CA GLU A 31 -3.42 1.34 -2.61
C GLU A 31 -3.73 2.43 -3.63
N PHE A 32 -4.66 2.17 -4.53
CA PHE A 32 -5.03 3.15 -5.55
C PHE A 32 -6.30 3.89 -5.18
N TYR A 33 -6.33 5.18 -5.49
CA TYR A 33 -7.49 6.02 -5.20
C TYR A 33 -7.56 7.23 -6.13
N ALA A 34 -8.62 7.99 -6.01
CA ALA A 34 -8.79 9.19 -6.84
C ALA A 34 -8.80 10.46 -5.99
N PRO A 35 -8.15 11.53 -6.48
CA PRO A 35 -8.08 12.81 -5.76
C PRO A 35 -9.42 13.52 -5.70
N TRP A 36 -10.39 13.03 -6.49
CA TRP A 36 -11.71 13.64 -6.52
C TRP A 36 -12.73 12.77 -5.79
N CYS A 37 -12.48 11.46 -5.77
CA CYS A 37 -13.36 10.51 -5.11
C CYS A 37 -13.33 10.72 -3.60
N GLY A 38 -14.48 10.56 -2.95
CA GLY A 38 -14.57 10.73 -1.52
C GLY A 38 -14.07 9.51 -0.76
N HIS A 39 -14.03 8.36 -1.43
CA HIS A 39 -13.58 7.13 -0.80
C HIS A 39 -12.15 7.27 -0.27
N CYS A 40 -11.35 8.09 -0.94
CA CYS A 40 -9.97 8.30 -0.53
C CYS A 40 -9.90 8.88 0.88
N LYS A 41 -10.83 9.76 1.20
CA LYS A 41 -10.88 10.39 2.51
C LYS A 41 -11.13 9.35 3.60
N ALA A 42 -12.13 8.50 3.38
CA ALA A 42 -12.47 7.45 4.34
C ALA A 42 -11.30 6.50 4.55
N LEU A 43 -10.61 6.16 3.46
CA LEU A 43 -9.47 5.26 3.53
C LEU A 43 -8.16 6.03 3.74
N ALA A 44 -8.25 7.35 3.84
CA ALA A 44 -7.07 8.19 4.04
C ALA A 44 -6.40 7.91 5.39
N PRO A 45 -7.16 8.08 6.49
CA PRO A 45 -6.62 7.85 7.84
C PRO A 45 -6.41 6.37 8.14
N LYS A 46 -7.19 5.51 7.49
CA LYS A 46 -7.07 4.08 7.70
C LYS A 46 -5.79 3.54 7.08
N TYR A 47 -5.61 3.76 5.79
CA TYR A 47 -4.42 3.30 5.08
C TYR A 47 -3.18 4.04 5.57
N GLU A 48 -3.38 5.25 6.06
CA GLU A 48 -2.28 6.06 6.58
C GLU A 48 -1.80 5.53 7.92
N GLU A 49 -2.73 5.02 8.72
CA GLU A 49 -2.40 4.49 10.03
C GLU A 49 -1.55 3.22 9.90
N LEU A 50 -2.11 2.20 9.29
CA LEU A 50 -1.41 0.93 9.09
C LEU A 50 -0.12 1.13 8.31
N GLY A 51 -0.18 1.96 7.27
CA GLY A 51 0.98 2.23 6.44
C GLY A 51 2.22 2.57 7.26
N ALA A 52 2.18 3.72 7.93
CA ALA A 52 3.31 4.14 8.76
C ALA A 52 3.50 3.21 9.94
N LEU A 53 2.43 2.52 10.33
CA LEU A 53 2.46 1.60 11.46
C LEU A 53 3.66 0.65 11.37
N TYR A 54 3.63 -0.26 10.41
CA TYR A 54 4.72 -1.20 10.23
C TYR A 54 5.85 -0.62 9.40
N ALA A 55 5.50 0.27 8.47
CA ALA A 55 6.48 0.89 7.60
C ALA A 55 7.67 1.42 8.39
N LYS A 56 7.45 1.83 9.64
CA LYS A 56 8.53 2.37 10.45
C LYS A 56 8.60 1.73 11.85
N SER A 57 7.48 1.25 12.38
CA SER A 57 7.47 0.67 13.73
C SER A 57 7.99 -0.77 13.79
N GLU A 58 7.36 -1.68 13.04
CA GLU A 58 7.76 -3.09 13.09
C GLU A 58 8.70 -3.49 11.96
N PHE A 59 8.24 -3.33 10.72
CA PHE A 59 9.04 -3.71 9.55
C PHE A 59 9.66 -2.49 8.89
N LYS A 60 10.11 -1.55 9.71
CA LYS A 60 10.73 -0.33 9.22
C LYS A 60 11.69 -0.60 8.05
N ASP A 61 12.42 -1.69 8.14
CA ASP A 61 13.36 -2.06 7.09
C ASP A 61 12.98 -3.41 6.47
N ARG A 62 11.67 -3.65 6.34
CA ARG A 62 11.19 -4.91 5.77
C ARG A 62 9.91 -4.72 4.97
N VAL A 63 9.04 -3.81 5.41
CA VAL A 63 7.78 -3.56 4.71
C VAL A 63 7.78 -2.22 3.98
N VAL A 64 6.97 -2.12 2.94
CA VAL A 64 6.86 -0.90 2.15
C VAL A 64 5.42 -0.68 1.70
N ILE A 65 4.73 0.26 2.34
CA ILE A 65 3.34 0.54 2.01
C ILE A 65 3.19 1.95 1.44
N ALA A 66 2.78 2.04 0.18
CA ALA A 66 2.59 3.33 -0.47
C ALA A 66 1.20 3.42 -1.11
N LYS A 67 0.81 4.63 -1.48
CA LYS A 67 -0.48 4.85 -2.11
C LYS A 67 -0.34 5.72 -3.36
N VAL A 68 -0.84 5.22 -4.49
CA VAL A 68 -0.78 5.94 -5.75
C VAL A 68 -2.18 6.27 -6.26
N ASP A 69 -2.27 7.25 -7.14
CA ASP A 69 -3.55 7.66 -7.69
C ASP A 69 -3.73 7.13 -9.10
N ALA A 70 -4.98 6.86 -9.48
CA ALA A 70 -5.28 6.34 -10.81
C ALA A 70 -5.33 7.46 -11.86
N THR A 71 -5.05 8.69 -11.43
CA THR A 71 -5.10 9.85 -12.33
C THR A 71 -4.04 9.75 -13.42
N ALA A 72 -2.76 9.64 -13.03
CA ALA A 72 -1.69 9.57 -14.02
C ALA A 72 -0.43 8.93 -13.43
N ASN A 73 -0.14 7.70 -13.84
CA ASN A 73 1.02 6.97 -13.37
C ASN A 73 1.04 5.56 -13.95
N ASP A 74 2.01 4.76 -13.51
CA ASP A 74 2.14 3.39 -13.98
C ASP A 74 0.80 2.66 -13.89
N VAL A 75 0.43 2.22 -12.68
CA VAL A 75 -0.82 1.51 -12.45
C VAL A 75 -1.11 0.48 -13.55
N PRO A 76 -0.14 -0.41 -13.82
CA PRO A 76 -0.30 -1.44 -14.85
C PRO A 76 -1.50 -2.35 -14.58
N ASP A 77 -1.88 -2.46 -13.32
CA ASP A 77 -3.02 -3.29 -12.94
C ASP A 77 -4.34 -2.60 -13.27
N GLU A 78 -5.37 -3.40 -13.49
CA GLU A 78 -6.70 -2.88 -13.82
C GLU A 78 -7.51 -2.64 -12.56
N ILE A 79 -8.48 -1.73 -12.64
CA ILE A 79 -9.34 -1.41 -11.50
C ILE A 79 -10.77 -1.13 -11.93
N GLN A 80 -11.73 -1.50 -11.10
CA GLN A 80 -13.13 -1.25 -11.37
C GLN A 80 -13.41 0.22 -11.09
N GLY A 81 -12.92 0.66 -9.94
CA GLY A 81 -13.04 2.04 -9.52
C GLY A 81 -11.68 2.55 -9.12
N PHE A 82 -11.35 2.39 -7.85
CA PHE A 82 -10.03 2.77 -7.34
C PHE A 82 -9.78 2.24 -5.99
N PRO A 83 -10.60 2.61 -5.01
CA PRO A 83 -10.42 2.15 -3.66
C PRO A 83 -10.04 0.69 -3.64
N THR A 84 -8.80 0.52 -4.06
CA THR A 84 -8.19 -0.78 -4.22
C THR A 84 -7.03 -1.00 -3.26
N ILE A 85 -6.85 -2.25 -2.86
CA ILE A 85 -5.77 -2.60 -1.95
C ILE A 85 -5.12 -3.92 -2.38
N LYS A 86 -3.91 -3.83 -2.90
CA LYS A 86 -3.18 -5.01 -3.36
C LYS A 86 -1.99 -5.31 -2.46
N LEU A 87 -1.65 -6.58 -2.34
CA LEU A 87 -0.53 -7.00 -1.51
C LEU A 87 0.39 -7.95 -2.29
N TYR A 88 1.64 -7.53 -2.45
CA TYR A 88 2.63 -8.33 -3.16
C TYR A 88 3.49 -9.11 -2.17
N PRO A 89 3.24 -10.42 -2.00
CA PRO A 89 3.99 -11.27 -1.08
C PRO A 89 5.45 -11.39 -1.47
N ALA A 90 6.34 -11.05 -0.55
CA ALA A 90 7.77 -11.13 -0.80
C ALA A 90 8.19 -12.54 -1.18
N GLY A 91 8.86 -12.66 -2.33
CA GLY A 91 9.31 -13.96 -2.79
C GLY A 91 8.33 -14.57 -3.79
N ALA A 92 7.06 -14.19 -3.70
CA ALA A 92 6.03 -14.70 -4.59
C ALA A 92 5.54 -13.60 -5.53
N LYS A 93 6.28 -13.37 -6.61
CA LYS A 93 5.92 -12.35 -7.58
C LYS A 93 4.86 -12.87 -8.54
N GLY A 94 3.72 -13.27 -8.00
CA GLY A 94 2.64 -13.79 -8.82
C GLY A 94 1.45 -14.24 -8.00
N GLN A 95 1.16 -13.52 -6.92
CA GLN A 95 0.04 -13.86 -6.04
C GLN A 95 -0.46 -12.62 -5.31
N PRO A 96 -0.76 -11.54 -6.04
CA PRO A 96 -1.26 -10.30 -5.45
C PRO A 96 -2.73 -10.39 -5.05
N VAL A 97 -3.03 -10.03 -3.82
CA VAL A 97 -4.40 -10.08 -3.32
C VAL A 97 -5.20 -8.87 -3.81
N THR A 98 -6.51 -9.06 -3.93
CA THR A 98 -7.39 -7.98 -4.39
C THR A 98 -8.56 -7.79 -3.44
N TYR A 99 -8.54 -6.69 -2.70
CA TYR A 99 -9.60 -6.38 -1.75
C TYR A 99 -10.83 -5.82 -2.46
N SER A 100 -12.01 -6.27 -2.05
CA SER A 100 -13.26 -5.81 -2.65
C SER A 100 -13.87 -4.67 -1.84
N GLY A 101 -13.04 -3.98 -1.06
CA GLY A 101 -13.52 -2.88 -0.25
C GLY A 101 -13.50 -3.19 1.23
N SER A 102 -12.44 -2.77 1.91
CA SER A 102 -12.30 -3.00 3.34
C SER A 102 -13.29 -2.14 4.13
N ARG A 103 -13.46 -2.47 5.41
CA ARG A 103 -14.36 -1.71 6.27
C ARG A 103 -13.75 -1.46 7.65
N THR A 104 -12.44 -1.63 7.75
CA THR A 104 -11.74 -1.43 9.02
C THR A 104 -10.24 -1.63 8.85
N VAL A 105 -9.46 -0.84 9.58
CA VAL A 105 -8.00 -0.95 9.52
C VAL A 105 -7.51 -2.29 10.03
N GLU A 106 -8.00 -2.68 11.20
CA GLU A 106 -7.61 -3.95 11.81
C GLU A 106 -7.63 -5.10 10.79
N ASP A 107 -8.51 -4.97 9.80
CA ASP A 107 -8.63 -5.99 8.76
C ASP A 107 -7.50 -5.85 7.74
N LEU A 108 -7.19 -4.62 7.37
CA LEU A 108 -6.13 -4.36 6.40
C LEU A 108 -4.78 -4.84 6.92
N ILE A 109 -4.56 -4.68 8.22
CA ILE A 109 -3.30 -5.10 8.84
C ILE A 109 -3.18 -6.63 8.85
N LYS A 110 -4.19 -7.29 9.44
CA LYS A 110 -4.19 -8.75 9.51
C LYS A 110 -4.09 -9.36 8.12
N PHE A 111 -4.49 -8.59 7.11
CA PHE A 111 -4.45 -9.06 5.73
C PHE A 111 -3.00 -9.12 5.24
N ILE A 112 -2.25 -8.05 5.49
CA ILE A 112 -0.85 -7.98 5.09
C ILE A 112 -0.07 -9.19 5.59
N ALA A 113 -0.31 -9.57 6.83
CA ALA A 113 0.37 -10.72 7.43
C ALA A 113 -0.26 -12.03 6.97
N GLU A 114 -1.50 -11.97 6.48
CA GLU A 114 -2.21 -13.15 6.02
C GLU A 114 -1.71 -13.60 4.65
N ASN A 115 -1.69 -12.65 3.69
CA ASN A 115 -1.25 -12.96 2.34
C ASN A 115 0.23 -12.67 2.17
N GLY A 116 0.72 -11.64 2.88
CA GLY A 116 2.12 -11.28 2.78
C GLY A 116 3.04 -12.40 3.19
N LYS A 117 3.84 -12.88 2.23
CA LYS A 117 4.78 -13.97 2.48
C LYS A 117 5.71 -13.62 3.64
N TYR A 118 6.18 -12.38 3.66
CA TYR A 118 7.07 -11.91 4.71
C TYR A 118 6.32 -11.78 6.03
N LYS A 119 5.00 -11.68 5.96
CA LYS A 119 4.18 -11.54 7.16
C LYS A 119 4.41 -10.19 7.83
N ALA A 120 4.16 -9.11 7.09
CA ALA A 120 4.34 -7.77 7.62
C ALA A 120 3.31 -7.45 8.70
N ALA A 121 3.42 -8.13 9.83
CA ALA A 121 2.50 -7.92 10.95
C ALA A 121 2.84 -8.82 12.12
N GLY A 1 16.89 23.39 14.79
CA GLY A 1 15.53 23.62 14.22
C GLY A 1 14.70 22.35 14.16
N PRO A 2 13.41 22.45 13.81
CA PRO A 2 12.52 21.30 13.72
C PRO A 2 13.02 20.25 12.74
N LEU A 3 12.95 20.57 11.45
CA LEU A 3 13.40 19.66 10.40
C LEU A 3 12.61 18.35 10.45
N GLY A 4 12.71 17.57 9.38
CA GLY A 4 12.01 16.30 9.32
C GLY A 4 11.15 16.18 8.08
N SER A 5 10.26 17.15 7.88
CA SER A 5 9.37 17.15 6.72
C SER A 5 8.37 16.00 6.80
N GLU A 6 8.25 15.37 7.97
CA GLU A 6 7.33 14.26 8.15
C GLU A 6 7.48 13.22 7.04
N GLY A 7 6.55 12.28 7.00
CA GLY A 7 6.60 11.23 5.98
C GLY A 7 6.16 9.88 6.52
N PRO A 8 4.85 9.72 6.83
CA PRO A 8 4.32 8.46 7.35
C PRO A 8 4.08 7.43 6.25
N VAL A 9 3.51 7.87 5.14
CA VAL A 9 3.22 6.98 4.02
C VAL A 9 4.29 7.08 2.94
N THR A 10 4.38 6.04 2.11
CA THR A 10 5.37 6.02 1.03
C THR A 10 4.79 6.62 -0.24
N VAL A 11 5.63 7.33 -1.00
CA VAL A 11 5.19 7.97 -2.23
C VAL A 11 5.60 7.13 -3.45
N VAL A 12 4.61 6.72 -4.22
CA VAL A 12 4.86 5.92 -5.42
C VAL A 12 4.41 6.67 -6.66
N VAL A 13 5.07 6.38 -7.79
CA VAL A 13 4.75 7.02 -9.05
C VAL A 13 5.19 6.15 -10.22
N ALA A 14 4.70 6.46 -11.42
CA ALA A 14 5.05 5.70 -12.61
C ALA A 14 6.57 5.59 -12.77
N LYS A 15 7.29 6.52 -12.15
CA LYS A 15 8.74 6.53 -12.22
C LYS A 15 9.36 5.44 -11.34
N ASN A 16 8.75 5.20 -10.18
CA ASN A 16 9.25 4.19 -9.25
C ASN A 16 8.17 3.17 -8.88
N TYR A 17 7.16 3.05 -9.73
CA TYR A 17 6.07 2.11 -9.47
C TYR A 17 6.55 0.68 -9.67
N ASN A 18 7.31 0.47 -10.73
CA ASN A 18 7.83 -0.85 -11.04
C ASN A 18 8.91 -1.27 -10.06
N GLU A 19 9.93 -0.43 -9.90
CA GLU A 19 11.03 -0.74 -8.98
C GLU A 19 10.52 -1.11 -7.59
N ILE A 20 9.45 -0.44 -7.17
CA ILE A 20 8.87 -0.69 -5.85
C ILE A 20 8.11 -2.03 -5.81
N VAL A 21 6.90 -2.03 -6.37
CA VAL A 21 6.08 -3.23 -6.40
C VAL A 21 6.88 -4.47 -6.79
N LEU A 22 7.91 -4.25 -7.60
CA LEU A 22 8.77 -5.34 -8.05
C LEU A 22 9.58 -5.92 -6.90
N ASP A 23 10.13 -5.04 -6.06
CA ASP A 23 10.94 -5.46 -4.91
C ASP A 23 10.26 -6.61 -4.16
N ASP A 24 10.63 -7.84 -4.50
CA ASP A 24 10.08 -9.03 -3.86
C ASP A 24 10.81 -9.36 -2.57
N THR A 25 11.93 -8.71 -2.33
CA THR A 25 12.71 -8.94 -1.11
C THR A 25 11.99 -8.42 0.12
N LYS A 26 10.94 -7.63 -0.09
CA LYS A 26 10.18 -7.06 1.02
C LYS A 26 8.68 -7.05 0.70
N ASP A 27 7.87 -6.78 1.72
CA ASP A 27 6.42 -6.73 1.54
C ASP A 27 6.00 -5.38 0.96
N VAL A 28 5.13 -5.42 -0.04
CA VAL A 28 4.66 -4.20 -0.68
C VAL A 28 3.14 -4.04 -0.53
N LEU A 29 2.71 -2.82 -0.29
CA LEU A 29 1.29 -2.53 -0.13
C LEU A 29 0.92 -1.24 -0.88
N ILE A 30 0.39 -1.40 -2.08
CA ILE A 30 -0.01 -0.26 -2.90
C ILE A 30 -1.53 -0.10 -2.92
N GLU A 31 -1.99 1.12 -2.74
CA GLU A 31 -3.43 1.40 -2.75
C GLU A 31 -3.77 2.49 -3.76
N PHE A 32 -4.64 2.17 -4.70
CA PHE A 32 -5.05 3.12 -5.73
C PHE A 32 -6.35 3.82 -5.34
N TYR A 33 -6.44 5.10 -5.65
CA TYR A 33 -7.63 5.88 -5.33
C TYR A 33 -7.72 7.11 -6.23
N ALA A 34 -8.90 7.74 -6.23
CA ALA A 34 -9.12 8.93 -7.04
C ALA A 34 -9.26 10.17 -6.15
N PRO A 35 -8.66 11.30 -6.56
CA PRO A 35 -8.72 12.55 -5.80
C PRO A 35 -10.13 13.14 -5.77
N TRP A 36 -11.02 12.60 -6.59
CA TRP A 36 -12.39 13.08 -6.67
C TRP A 36 -13.35 12.10 -5.99
N CYS A 37 -12.92 10.84 -5.89
CA CYS A 37 -13.75 9.82 -5.26
C CYS A 37 -13.68 9.91 -3.74
N GLY A 38 -14.80 10.23 -3.11
CA GLY A 38 -14.85 10.35 -1.67
C GLY A 38 -14.35 9.10 -0.96
N HIS A 39 -14.39 7.96 -1.65
CA HIS A 39 -13.95 6.70 -1.07
C HIS A 39 -12.51 6.81 -0.56
N CYS A 40 -11.73 7.68 -1.18
CA CYS A 40 -10.34 7.88 -0.78
C CYS A 40 -10.25 8.52 0.60
N LYS A 41 -11.20 9.40 0.90
CA LYS A 41 -11.23 10.09 2.18
C LYS A 41 -11.41 9.08 3.33
N ALA A 42 -12.27 8.09 3.10
CA ALA A 42 -12.54 7.08 4.11
C ALA A 42 -11.33 6.17 4.30
N LEU A 43 -10.56 5.97 3.24
CA LEU A 43 -9.38 5.12 3.28
C LEU A 43 -8.11 5.95 3.43
N ALA A 44 -8.26 7.27 3.51
CA ALA A 44 -7.12 8.16 3.65
C ALA A 44 -6.45 8.02 5.02
N PRO A 45 -7.20 8.30 6.10
CA PRO A 45 -6.68 8.20 7.47
C PRO A 45 -6.43 6.75 7.91
N LYS A 46 -7.27 5.84 7.42
CA LYS A 46 -7.14 4.43 7.76
C LYS A 46 -5.87 3.84 7.17
N TYR A 47 -5.73 3.92 5.86
CA TYR A 47 -4.56 3.39 5.16
C TYR A 47 -3.29 4.14 5.56
N GLU A 48 -3.45 5.43 5.90
CA GLU A 48 -2.33 6.26 6.28
C GLU A 48 -1.79 5.85 7.65
N GLU A 49 -2.69 5.47 8.55
CA GLU A 49 -2.30 5.05 9.89
C GLU A 49 -1.51 3.75 9.85
N LEU A 50 -2.15 2.68 9.40
CA LEU A 50 -1.49 1.37 9.30
C LEU A 50 -0.23 1.45 8.45
N GLY A 51 -0.25 2.34 7.46
CA GLY A 51 0.90 2.50 6.60
C GLY A 51 2.17 2.79 7.38
N ALA A 52 2.21 3.95 8.02
CA ALA A 52 3.36 4.34 8.82
C ALA A 52 3.54 3.41 10.02
N LEU A 53 2.44 2.78 10.44
CA LEU A 53 2.47 1.88 11.59
C LEU A 53 3.63 0.88 11.48
N TYR A 54 3.53 -0.03 10.52
CA TYR A 54 4.57 -1.04 10.32
C TYR A 54 5.70 -0.50 9.45
N ALA A 55 5.35 0.36 8.50
CA ALA A 55 6.33 0.94 7.59
C ALA A 55 7.54 1.47 8.34
N LYS A 56 7.35 1.89 9.59
CA LYS A 56 8.46 2.44 10.37
C LYS A 56 8.59 1.80 11.76
N SER A 57 7.47 1.33 12.33
CA SER A 57 7.53 0.74 13.67
C SER A 57 8.03 -0.70 13.71
N GLU A 58 7.36 -1.59 12.98
CA GLU A 58 7.74 -3.01 12.98
C GLU A 58 8.62 -3.38 11.79
N PHE A 59 8.08 -3.20 10.58
CA PHE A 59 8.81 -3.54 9.36
C PHE A 59 9.45 -2.31 8.75
N LYS A 60 9.98 -1.45 9.62
CA LYS A 60 10.63 -0.22 9.19
C LYS A 60 11.54 -0.45 7.97
N ASP A 61 12.29 -1.54 8.00
CA ASP A 61 13.19 -1.88 6.90
C ASP A 61 12.80 -3.21 6.27
N ARG A 62 11.51 -3.53 6.28
CA ARG A 62 11.04 -4.79 5.72
C ARG A 62 9.75 -4.61 4.92
N VAL A 63 8.97 -3.58 5.23
CA VAL A 63 7.71 -3.33 4.53
C VAL A 63 7.68 -1.94 3.90
N VAL A 64 6.87 -1.79 2.86
CA VAL A 64 6.72 -0.52 2.17
C VAL A 64 5.29 -0.30 1.71
N ILE A 65 4.57 0.57 2.41
CA ILE A 65 3.18 0.87 2.09
C ILE A 65 3.04 2.25 1.47
N ALA A 66 2.76 2.29 0.17
CA ALA A 66 2.60 3.57 -0.53
C ALA A 66 1.20 3.71 -1.10
N LYS A 67 0.81 4.94 -1.40
CA LYS A 67 -0.50 5.22 -1.96
C LYS A 67 -0.39 6.00 -3.28
N VAL A 68 -1.00 5.46 -4.33
CA VAL A 68 -0.97 6.10 -5.64
C VAL A 68 -2.37 6.40 -6.14
N ASP A 69 -2.47 7.34 -7.08
CA ASP A 69 -3.75 7.72 -7.65
C ASP A 69 -3.90 7.21 -9.07
N ALA A 70 -5.13 6.91 -9.48
CA ALA A 70 -5.42 6.41 -10.81
C ALA A 70 -5.44 7.54 -11.84
N THR A 71 -5.16 8.77 -11.41
CA THR A 71 -5.18 9.92 -12.29
C THR A 71 -4.10 9.83 -13.37
N ALA A 72 -2.86 9.53 -12.98
CA ALA A 72 -1.77 9.43 -13.94
C ALA A 72 -0.54 8.75 -13.34
N ASN A 73 -0.31 7.52 -13.76
CA ASN A 73 0.85 6.75 -13.29
C ASN A 73 0.79 5.31 -13.82
N ASP A 74 1.74 4.49 -13.38
CA ASP A 74 1.80 3.09 -13.82
C ASP A 74 0.44 2.40 -13.66
N VAL A 75 0.11 2.03 -12.42
CA VAL A 75 -1.17 1.37 -12.12
C VAL A 75 -1.52 0.32 -13.18
N PRO A 76 -0.60 -0.60 -13.46
CA PRO A 76 -0.82 -1.66 -14.46
C PRO A 76 -1.87 -2.67 -14.00
N ASP A 77 -1.99 -2.84 -12.69
CA ASP A 77 -2.95 -3.78 -12.12
C ASP A 77 -4.37 -3.47 -12.60
N GLU A 78 -5.26 -4.43 -12.43
CA GLU A 78 -6.65 -4.27 -12.84
C GLU A 78 -7.47 -3.56 -11.77
N ILE A 79 -8.35 -2.67 -12.19
CA ILE A 79 -9.18 -1.91 -11.26
C ILE A 79 -10.59 -1.69 -11.81
N GLN A 80 -11.59 -2.10 -11.04
CA GLN A 80 -12.99 -1.92 -11.43
C GLN A 80 -13.39 -0.46 -11.23
N GLY A 81 -12.72 0.18 -10.27
CA GLY A 81 -12.97 1.58 -9.96
C GLY A 81 -11.68 2.22 -9.50
N PHE A 82 -11.36 2.04 -8.22
CA PHE A 82 -10.12 2.54 -7.64
C PHE A 82 -9.87 2.00 -6.29
N PRO A 83 -10.76 2.25 -5.36
CA PRO A 83 -10.58 1.77 -4.01
C PRO A 83 -10.09 0.34 -4.03
N THR A 84 -8.85 0.26 -4.40
CA THR A 84 -8.15 -0.99 -4.59
C THR A 84 -6.97 -1.15 -3.64
N ILE A 85 -6.70 -2.39 -3.28
CA ILE A 85 -5.58 -2.69 -2.39
C ILE A 85 -4.84 -3.92 -2.87
N LYS A 86 -3.64 -3.70 -3.39
CA LYS A 86 -2.82 -4.80 -3.91
C LYS A 86 -1.69 -5.13 -2.95
N LEU A 87 -1.53 -6.41 -2.64
CA LEU A 87 -0.48 -6.86 -1.74
C LEU A 87 0.49 -7.78 -2.47
N TYR A 88 1.73 -7.33 -2.60
CA TYR A 88 2.76 -8.11 -3.28
C TYR A 88 3.59 -8.90 -2.26
N PRO A 89 3.34 -10.21 -2.15
CA PRO A 89 4.07 -11.07 -1.21
C PRO A 89 5.54 -11.24 -1.60
N ALA A 90 6.43 -10.95 -0.67
CA ALA A 90 7.87 -11.06 -0.90
C ALA A 90 8.24 -12.50 -1.28
N GLY A 91 8.88 -12.65 -2.44
CA GLY A 91 9.29 -13.96 -2.90
C GLY A 91 8.29 -14.57 -3.87
N ALA A 92 7.03 -14.17 -3.74
CA ALA A 92 5.98 -14.68 -4.62
C ALA A 92 5.53 -13.62 -5.61
N LYS A 93 6.29 -13.44 -6.68
CA LYS A 93 5.97 -12.45 -7.70
C LYS A 93 4.87 -12.96 -8.62
N GLY A 94 3.70 -13.21 -8.05
CA GLY A 94 2.58 -13.70 -8.83
C GLY A 94 1.38 -14.04 -7.97
N GLN A 95 1.13 -13.23 -6.95
CA GLN A 95 0.01 -13.46 -6.05
C GLN A 95 -0.55 -12.13 -5.53
N PRO A 96 -0.93 -11.22 -6.44
CA PRO A 96 -1.49 -9.91 -6.07
C PRO A 96 -2.85 -10.04 -5.42
N VAL A 97 -2.93 -9.64 -4.15
CA VAL A 97 -4.18 -9.70 -3.40
C VAL A 97 -4.96 -8.40 -3.53
N THR A 98 -6.16 -8.50 -4.08
CA THR A 98 -7.01 -7.33 -4.26
C THR A 98 -8.12 -7.31 -3.22
N TYR A 99 -8.32 -6.15 -2.58
CA TYR A 99 -9.34 -6.00 -1.56
C TYR A 99 -10.73 -6.03 -2.20
N SER A 100 -11.65 -6.75 -1.55
CA SER A 100 -13.02 -6.87 -2.05
C SER A 100 -13.94 -5.88 -1.33
N GLY A 101 -13.36 -4.83 -0.76
CA GLY A 101 -14.15 -3.84 -0.05
C GLY A 101 -13.68 -3.63 1.37
N SER A 102 -13.20 -2.43 1.67
CA SER A 102 -12.72 -2.11 3.00
C SER A 102 -13.80 -2.33 4.05
N ARG A 103 -13.51 -3.17 5.03
CA ARG A 103 -14.46 -3.47 6.10
C ARG A 103 -14.01 -2.86 7.41
N THR A 104 -12.71 -2.83 7.64
CA THR A 104 -12.15 -2.27 8.86
C THR A 104 -10.62 -2.31 8.84
N VAL A 105 -9.99 -1.53 9.71
CA VAL A 105 -8.54 -1.48 9.78
C VAL A 105 -7.97 -2.84 10.19
N GLU A 106 -8.51 -3.40 11.27
CA GLU A 106 -8.06 -4.69 11.77
C GLU A 106 -8.02 -5.74 10.65
N ASP A 107 -8.87 -5.55 9.65
CA ASP A 107 -8.94 -6.48 8.52
C ASP A 107 -7.79 -6.22 7.55
N LEU A 108 -7.48 -4.95 7.34
CA LEU A 108 -6.41 -4.56 6.43
C LEU A 108 -5.05 -5.06 6.94
N ILE A 109 -4.90 -5.06 8.26
CA ILE A 109 -3.67 -5.51 8.90
C ILE A 109 -3.52 -7.02 8.80
N LYS A 110 -4.56 -7.74 9.22
CA LYS A 110 -4.54 -9.20 9.18
C LYS A 110 -4.37 -9.70 7.75
N PHE A 111 -4.75 -8.86 6.78
CA PHE A 111 -4.63 -9.22 5.38
C PHE A 111 -3.18 -9.25 4.93
N ILE A 112 -2.48 -8.15 5.18
CA ILE A 112 -1.07 -8.04 4.80
C ILE A 112 -0.25 -9.22 5.34
N ALA A 113 -0.47 -9.58 6.59
CA ALA A 113 0.25 -10.69 7.21
C ALA A 113 -0.27 -12.02 6.72
N GLU A 114 -1.52 -12.04 6.25
CA GLU A 114 -2.13 -13.26 5.76
C GLU A 114 -1.59 -13.63 4.38
N ASN A 115 -1.64 -12.67 3.46
CA ASN A 115 -1.15 -12.89 2.10
C ASN A 115 0.34 -12.59 2.00
N GLY A 116 0.76 -11.51 2.67
CA GLY A 116 2.15 -11.12 2.64
C GLY A 116 3.07 -12.22 3.17
N LYS A 117 3.90 -12.76 2.29
CA LYS A 117 4.84 -13.82 2.68
C LYS A 117 5.72 -13.37 3.83
N TYR A 118 6.14 -12.10 3.79
CA TYR A 118 6.99 -11.54 4.83
C TYR A 118 6.23 -11.45 6.16
N LYS A 119 4.91 -11.46 6.08
CA LYS A 119 4.07 -11.37 7.28
C LYS A 119 4.20 -9.99 7.93
N ALA A 120 4.05 -8.95 7.12
CA ALA A 120 4.15 -7.58 7.61
C ALA A 120 2.99 -7.24 8.53
N ALA A 121 3.02 -7.80 9.74
CA ALA A 121 1.97 -7.56 10.72
C ALA A 121 2.27 -8.27 12.04
N GLY A 1 12.11 21.54 13.32
CA GLY A 1 11.76 22.93 13.70
C GLY A 1 10.37 23.33 13.26
N PRO A 2 10.21 23.69 11.96
CA PRO A 2 8.90 24.09 11.42
C PRO A 2 7.93 22.93 11.34
N LEU A 3 8.47 21.72 11.19
CA LEU A 3 7.64 20.52 11.10
C LEU A 3 6.73 20.58 9.87
N GLY A 4 6.31 19.41 9.39
CA GLY A 4 5.45 19.36 8.23
C GLY A 4 5.27 17.95 7.71
N SER A 5 5.73 17.71 6.49
CA SER A 5 5.63 16.39 5.87
C SER A 5 6.97 15.68 5.87
N GLU A 6 7.11 14.70 6.75
CA GLU A 6 8.35 13.93 6.86
C GLU A 6 8.32 12.73 5.92
N GLY A 7 7.52 11.73 6.27
CA GLY A 7 7.42 10.54 5.44
C GLY A 7 6.62 9.44 6.11
N PRO A 8 5.34 9.71 6.45
CA PRO A 8 4.48 8.71 7.10
C PRO A 8 4.08 7.59 6.15
N VAL A 9 3.69 7.96 4.93
CA VAL A 9 3.28 6.99 3.93
C VAL A 9 4.20 7.01 2.73
N THR A 10 4.68 5.84 2.32
CA THR A 10 5.58 5.73 1.17
C THR A 10 4.90 6.23 -0.10
N VAL A 11 5.68 6.89 -0.95
CA VAL A 11 5.16 7.43 -2.21
C VAL A 11 5.53 6.53 -3.38
N VAL A 12 4.52 6.20 -4.20
CA VAL A 12 4.74 5.35 -5.37
C VAL A 12 4.41 6.13 -6.65
N VAL A 13 5.19 5.87 -7.69
CA VAL A 13 4.99 6.53 -8.97
C VAL A 13 5.53 5.68 -10.12
N ALA A 14 5.12 6.00 -11.34
CA ALA A 14 5.57 5.25 -12.52
C ALA A 14 7.09 5.14 -12.55
N LYS A 15 7.76 6.07 -11.90
CA LYS A 15 9.22 6.08 -11.85
C LYS A 15 9.76 4.94 -10.99
N ASN A 16 9.07 4.66 -9.89
CA ASN A 16 9.48 3.61 -8.98
C ASN A 16 8.34 2.64 -8.69
N TYR A 17 7.43 2.49 -9.66
CA TYR A 17 6.29 1.59 -9.51
C TYR A 17 6.72 0.14 -9.68
N ASN A 18 7.60 -0.09 -10.64
CA ASN A 18 8.09 -1.43 -10.92
C ASN A 18 9.04 -1.91 -9.83
N GLU A 19 10.06 -1.11 -9.56
CA GLU A 19 11.04 -1.47 -8.55
C GLU A 19 10.38 -1.76 -7.20
N ILE A 20 9.37 -0.96 -6.85
CA ILE A 20 8.67 -1.12 -5.58
C ILE A 20 7.65 -2.27 -5.63
N VAL A 21 6.53 -2.02 -6.30
CA VAL A 21 5.47 -3.02 -6.41
C VAL A 21 6.00 -4.41 -6.75
N LEU A 22 6.94 -4.46 -7.68
CA LEU A 22 7.52 -5.73 -8.12
C LEU A 22 8.57 -6.25 -7.14
N ASP A 23 9.17 -5.34 -6.37
CA ASP A 23 10.20 -5.73 -5.39
C ASP A 23 9.77 -6.95 -4.58
N ASP A 24 10.07 -8.14 -5.10
CA ASP A 24 9.71 -9.38 -4.44
C ASP A 24 10.59 -9.65 -3.22
N THR A 25 11.65 -8.87 -3.07
CA THR A 25 12.57 -9.03 -1.95
C THR A 25 11.93 -8.59 -0.64
N LYS A 26 10.78 -7.92 -0.72
CA LYS A 26 10.07 -7.46 0.46
C LYS A 26 8.57 -7.38 0.21
N ASP A 27 7.81 -7.16 1.28
CA ASP A 27 6.35 -7.07 1.18
C ASP A 27 5.94 -5.67 0.71
N VAL A 28 5.16 -5.61 -0.36
CA VAL A 28 4.69 -4.34 -0.90
C VAL A 28 3.19 -4.17 -0.72
N LEU A 29 2.77 -2.93 -0.48
CA LEU A 29 1.37 -2.62 -0.29
C LEU A 29 0.99 -1.39 -1.10
N ILE A 30 0.39 -1.61 -2.27
CA ILE A 30 -0.01 -0.52 -3.14
C ILE A 30 -1.51 -0.24 -3.03
N GLU A 31 -1.86 1.01 -2.78
CA GLU A 31 -3.26 1.41 -2.66
C GLU A 31 -3.59 2.53 -3.63
N PHE A 32 -4.43 2.25 -4.61
CA PHE A 32 -4.80 3.25 -5.61
C PHE A 32 -6.08 3.98 -5.20
N TYR A 33 -6.17 5.25 -5.57
CA TYR A 33 -7.33 6.06 -5.25
C TYR A 33 -7.38 7.31 -6.12
N ALA A 34 -8.48 8.05 -6.01
CA ALA A 34 -8.65 9.28 -6.78
C ALA A 34 -8.67 10.50 -5.86
N PRO A 35 -8.06 11.62 -6.30
CA PRO A 35 -8.02 12.86 -5.51
C PRO A 35 -9.37 13.58 -5.46
N TRP A 36 -10.35 13.07 -6.20
CA TRP A 36 -11.68 13.66 -6.22
C TRP A 36 -12.68 12.79 -5.46
N CYS A 37 -12.41 11.48 -5.43
CA CYS A 37 -13.29 10.54 -4.75
C CYS A 37 -13.18 10.71 -3.23
N GLY A 38 -14.30 10.54 -2.54
CA GLY A 38 -14.31 10.68 -1.10
C GLY A 38 -13.82 9.42 -0.39
N HIS A 39 -13.87 8.30 -1.10
CA HIS A 39 -13.43 7.02 -0.53
C HIS A 39 -11.99 7.12 -0.03
N CYS A 40 -11.19 7.92 -0.71
CA CYS A 40 -9.78 8.09 -0.32
C CYS A 40 -9.67 8.89 0.98
N LYS A 41 -10.61 9.78 1.21
CA LYS A 41 -10.62 10.60 2.42
C LYS A 41 -10.68 9.72 3.66
N ALA A 42 -11.54 8.71 3.63
CA ALA A 42 -11.69 7.78 4.74
C ALA A 42 -10.51 6.82 4.82
N LEU A 43 -10.00 6.43 3.67
CA LEU A 43 -8.86 5.50 3.61
C LEU A 43 -7.53 6.25 3.76
N ALA A 44 -7.60 7.58 3.81
CA ALA A 44 -6.40 8.41 3.94
C ALA A 44 -5.77 8.24 5.31
N PRO A 45 -6.51 8.56 6.39
CA PRO A 45 -5.99 8.45 7.76
C PRO A 45 -5.80 7.00 8.21
N LYS A 46 -6.68 6.12 7.75
CA LYS A 46 -6.61 4.71 8.10
C LYS A 46 -5.38 4.05 7.49
N TYR A 47 -5.26 4.13 6.17
CA TYR A 47 -4.14 3.55 5.47
C TYR A 47 -2.83 4.22 5.87
N GLU A 48 -2.91 5.50 6.21
CA GLU A 48 -1.74 6.26 6.61
C GLU A 48 -1.23 5.82 7.97
N GLU A 49 -2.15 5.44 8.86
CA GLU A 49 -1.79 5.00 10.19
C GLU A 49 -1.04 3.68 10.14
N LEU A 50 -1.73 2.63 9.66
CA LEU A 50 -1.13 1.31 9.55
C LEU A 50 0.13 1.34 8.70
N GLY A 51 0.14 2.24 7.72
CA GLY A 51 1.29 2.36 6.85
C GLY A 51 2.57 2.60 7.62
N ALA A 52 2.66 3.75 8.27
CA ALA A 52 3.83 4.09 9.06
C ALA A 52 3.98 3.16 10.25
N LEU A 53 2.87 2.56 10.68
CA LEU A 53 2.88 1.65 11.83
C LEU A 53 3.99 0.61 11.69
N TYR A 54 3.84 -0.30 10.74
CA TYR A 54 4.83 -1.35 10.52
C TYR A 54 5.97 -0.86 9.63
N ALA A 55 5.65 0.05 8.72
CA ALA A 55 6.65 0.59 7.81
C ALA A 55 7.93 1.01 8.54
N LYS A 56 7.79 1.35 9.83
CA LYS A 56 8.94 1.78 10.62
C LYS A 56 9.05 1.03 11.95
N SER A 57 7.92 0.56 12.49
CA SER A 57 7.95 -0.12 13.79
C SER A 57 8.40 -1.58 13.71
N GLU A 58 7.68 -2.39 12.93
CA GLU A 58 7.99 -3.82 12.83
C GLU A 58 8.86 -4.16 11.62
N PHE A 59 8.35 -3.87 10.43
CA PHE A 59 9.06 -4.18 9.19
C PHE A 59 9.72 -2.94 8.62
N LYS A 60 10.27 -2.12 9.50
CA LYS A 60 10.95 -0.89 9.10
C LYS A 60 11.84 -1.10 7.87
N ASP A 61 12.56 -2.21 7.84
CA ASP A 61 13.43 -2.52 6.72
C ASP A 61 13.00 -3.81 6.03
N ARG A 62 11.69 -4.03 5.95
CA ARG A 62 11.16 -5.24 5.31
C ARG A 62 9.84 -4.98 4.58
N VAL A 63 9.07 -4.01 5.04
CA VAL A 63 7.78 -3.70 4.41
C VAL A 63 7.76 -2.29 3.85
N VAL A 64 6.94 -2.08 2.82
CA VAL A 64 6.80 -0.77 2.19
C VAL A 64 5.36 -0.52 1.77
N ILE A 65 4.66 0.33 2.51
CA ILE A 65 3.28 0.66 2.21
C ILE A 65 3.17 2.05 1.60
N ALA A 66 2.75 2.11 0.34
CA ALA A 66 2.62 3.38 -0.35
C ALA A 66 1.23 3.54 -0.98
N LYS A 67 0.89 4.77 -1.33
CA LYS A 67 -0.41 5.06 -1.95
C LYS A 67 -0.23 5.87 -3.22
N VAL A 68 -0.79 5.37 -4.32
CA VAL A 68 -0.70 6.05 -5.60
C VAL A 68 -2.08 6.48 -6.10
N ASP A 69 -2.10 7.42 -7.03
CA ASP A 69 -3.36 7.91 -7.59
C ASP A 69 -3.55 7.43 -9.03
N ALA A 70 -4.81 7.25 -9.41
CA ALA A 70 -5.13 6.79 -10.76
C ALA A 70 -5.14 7.95 -11.76
N THR A 71 -4.81 9.15 -11.29
CA THR A 71 -4.81 10.34 -12.14
C THR A 71 -3.75 10.24 -13.24
N ALA A 72 -2.54 9.83 -12.89
CA ALA A 72 -1.47 9.71 -13.87
C ALA A 72 -0.24 8.98 -13.32
N ASN A 73 -0.04 7.75 -13.78
CA ASN A 73 1.10 6.95 -13.35
C ASN A 73 1.00 5.54 -13.91
N ASP A 74 1.95 4.68 -13.52
CA ASP A 74 1.97 3.29 -14.00
C ASP A 74 0.61 2.62 -13.80
N VAL A 75 0.36 2.14 -12.58
CA VAL A 75 -0.90 1.48 -12.24
C VAL A 75 -1.35 0.52 -13.36
N PRO A 76 -0.46 -0.40 -13.78
CA PRO A 76 -0.78 -1.37 -14.85
C PRO A 76 -1.85 -2.36 -14.43
N ASP A 77 -1.97 -2.58 -13.12
CA ASP A 77 -2.96 -3.51 -12.59
C ASP A 77 -4.37 -3.13 -13.03
N GLU A 78 -5.35 -3.97 -12.69
CA GLU A 78 -6.74 -3.72 -13.04
C GLU A 78 -7.50 -3.05 -11.91
N ILE A 79 -8.35 -2.11 -12.25
CA ILE A 79 -9.14 -1.39 -11.24
C ILE A 79 -10.55 -1.09 -11.76
N GLN A 80 -11.56 -1.47 -10.97
CA GLN A 80 -12.95 -1.23 -11.33
C GLN A 80 -13.28 0.25 -11.09
N GLY A 81 -12.58 0.83 -10.12
CA GLY A 81 -12.75 2.23 -9.78
C GLY A 81 -11.44 2.80 -9.31
N PHE A 82 -11.13 2.56 -8.03
CA PHE A 82 -9.86 2.98 -7.46
C PHE A 82 -9.63 2.41 -6.13
N PRO A 83 -10.51 2.70 -5.18
CA PRO A 83 -10.37 2.21 -3.83
C PRO A 83 -9.94 0.76 -3.86
N THR A 84 -8.69 0.63 -4.22
CA THR A 84 -8.03 -0.65 -4.42
C THR A 84 -6.90 -0.86 -3.43
N ILE A 85 -6.74 -2.11 -3.02
CA ILE A 85 -5.68 -2.49 -2.09
C ILE A 85 -5.04 -3.81 -2.51
N LYS A 86 -3.82 -3.74 -3.00
CA LYS A 86 -3.10 -4.93 -3.45
C LYS A 86 -1.90 -5.22 -2.56
N LEU A 87 -1.58 -6.50 -2.42
CA LEU A 87 -0.46 -6.93 -1.60
C LEU A 87 0.44 -7.89 -2.38
N TYR A 88 1.70 -7.51 -2.57
CA TYR A 88 2.65 -8.34 -3.29
C TYR A 88 3.49 -9.17 -2.32
N PRO A 89 3.21 -10.49 -2.20
CA PRO A 89 3.95 -11.37 -1.30
C PRO A 89 5.40 -11.57 -1.74
N ALA A 90 6.33 -11.32 -0.84
CA ALA A 90 7.75 -11.47 -1.14
C ALA A 90 8.08 -12.91 -1.53
N GLY A 91 8.77 -13.08 -2.65
CA GLY A 91 9.12 -14.41 -3.10
C GLY A 91 8.13 -14.97 -4.11
N ALA A 92 6.85 -14.68 -3.90
CA ALA A 92 5.80 -15.15 -4.78
C ALA A 92 5.42 -14.07 -5.79
N LYS A 93 6.27 -13.87 -6.79
CA LYS A 93 6.02 -12.87 -7.82
C LYS A 93 4.87 -13.30 -8.74
N GLY A 94 3.67 -13.38 -8.17
CA GLY A 94 2.51 -13.78 -8.94
C GLY A 94 1.36 -14.23 -8.07
N GLN A 95 1.14 -13.53 -6.97
CA GLN A 95 0.06 -13.86 -6.05
C GLN A 95 -0.45 -12.61 -5.32
N PRO A 96 -0.78 -11.54 -6.07
CA PRO A 96 -1.28 -10.30 -5.49
C PRO A 96 -2.74 -10.39 -5.08
N VAL A 97 -3.04 -9.95 -3.86
CA VAL A 97 -4.42 -9.99 -3.36
C VAL A 97 -5.21 -8.77 -3.82
N THR A 98 -6.52 -8.93 -3.93
CA THR A 98 -7.39 -7.84 -4.36
C THR A 98 -8.51 -7.60 -3.35
N TYR A 99 -8.42 -6.51 -2.61
CA TYR A 99 -9.43 -6.16 -1.61
C TYR A 99 -10.56 -5.35 -2.25
N SER A 100 -11.79 -5.74 -1.96
CA SER A 100 -12.95 -5.04 -2.49
C SER A 100 -13.15 -3.69 -1.80
N GLY A 101 -12.75 -3.62 -0.54
CA GLY A 101 -12.87 -2.39 0.21
C GLY A 101 -12.60 -2.57 1.69
N SER A 102 -11.50 -2.02 2.16
CA SER A 102 -11.13 -2.12 3.57
C SER A 102 -12.20 -1.53 4.47
N ARG A 103 -12.91 -2.38 5.20
CA ARG A 103 -13.97 -1.93 6.09
C ARG A 103 -13.39 -1.41 7.40
N THR A 104 -12.24 -1.93 7.79
CA THR A 104 -11.57 -1.51 9.02
C THR A 104 -10.06 -1.69 8.92
N VAL A 105 -9.33 -1.00 9.79
CA VAL A 105 -7.88 -1.09 9.80
C VAL A 105 -7.42 -2.47 10.25
N GLU A 106 -7.95 -2.93 11.38
CA GLU A 106 -7.60 -4.23 11.93
C GLU A 106 -7.65 -5.32 10.86
N ASP A 107 -8.51 -5.13 9.87
CA ASP A 107 -8.66 -6.09 8.78
C ASP A 107 -7.52 -5.94 7.78
N LEU A 108 -7.07 -4.72 7.57
CA LEU A 108 -6.00 -4.44 6.63
C LEU A 108 -4.67 -4.99 7.15
N ILE A 109 -4.52 -5.03 8.48
CA ILE A 109 -3.31 -5.53 9.09
C ILE A 109 -3.23 -7.04 8.99
N LYS A 110 -4.28 -7.72 9.45
CA LYS A 110 -4.35 -9.17 9.41
C LYS A 110 -4.24 -9.68 7.96
N PHE A 111 -4.58 -8.82 7.00
CA PHE A 111 -4.51 -9.19 5.60
C PHE A 111 -3.07 -9.27 5.12
N ILE A 112 -2.31 -8.21 5.39
CA ILE A 112 -0.91 -8.14 4.98
C ILE A 112 -0.14 -9.38 5.44
N ALA A 113 -0.32 -9.75 6.71
CA ALA A 113 0.36 -10.92 7.26
C ALA A 113 -0.30 -12.22 6.80
N GLU A 114 -1.56 -12.12 6.35
CA GLU A 114 -2.29 -13.29 5.90
C GLU A 114 -1.83 -13.72 4.50
N ASN A 115 -1.84 -12.78 3.57
CA ASN A 115 -1.42 -13.05 2.20
C ASN A 115 0.07 -12.81 2.02
N GLY A 116 0.60 -11.84 2.76
CA GLY A 116 2.01 -11.53 2.67
C GLY A 116 2.90 -12.72 3.00
N LYS A 117 3.66 -13.17 2.02
CA LYS A 117 4.55 -14.32 2.22
C LYS A 117 5.51 -14.06 3.38
N TYR A 118 6.02 -12.84 3.46
CA TYR A 118 6.94 -12.46 4.52
C TYR A 118 6.19 -12.27 5.84
N LYS A 119 4.87 -12.13 5.77
CA LYS A 119 4.05 -11.94 6.96
C LYS A 119 4.32 -10.58 7.59
N ALA A 120 4.28 -9.53 6.77
CA ALA A 120 4.52 -8.18 7.25
C ALA A 120 3.44 -7.74 8.24
N ALA A 121 3.57 -8.22 9.48
CA ALA A 121 2.61 -7.89 10.53
C ALA A 121 2.98 -8.56 11.84
N GLY A 1 9.14 16.66 11.06
CA GLY A 1 9.72 16.98 12.39
C GLY A 1 9.25 18.33 12.91
N PRO A 2 9.99 19.42 12.60
CA PRO A 2 9.63 20.76 13.04
C PRO A 2 8.38 21.29 12.35
N LEU A 3 8.32 21.11 11.03
CA LEU A 3 7.18 21.57 10.24
C LEU A 3 6.68 20.47 9.31
N GLY A 4 5.58 19.83 9.70
CA GLY A 4 5.03 18.77 8.88
C GLY A 4 5.87 17.50 8.92
N SER A 5 5.29 16.39 8.50
CA SER A 5 5.99 15.11 8.48
C SER A 5 7.13 15.14 7.47
N GLU A 6 7.94 14.07 7.47
CA GLU A 6 9.06 13.97 6.54
C GLU A 6 8.82 12.87 5.52
N GLY A 7 8.20 11.79 5.96
CA GLY A 7 7.92 10.67 5.07
C GLY A 7 7.23 9.53 5.77
N PRO A 8 5.98 9.74 6.25
CA PRO A 8 5.23 8.70 6.95
C PRO A 8 4.75 7.59 6.01
N VAL A 9 4.28 7.99 4.83
CA VAL A 9 3.80 7.04 3.84
C VAL A 9 4.67 7.05 2.58
N THR A 10 4.94 5.87 2.04
CA THR A 10 5.77 5.75 0.84
C THR A 10 4.99 6.20 -0.39
N VAL A 11 5.70 6.84 -1.32
CA VAL A 11 5.08 7.34 -2.54
C VAL A 11 5.41 6.44 -3.73
N VAL A 12 4.38 6.04 -4.48
CA VAL A 12 4.57 5.19 -5.64
C VAL A 12 4.19 5.93 -6.92
N VAL A 13 5.20 6.20 -7.75
CA VAL A 13 4.98 6.91 -9.01
C VAL A 13 5.44 6.06 -10.19
N ALA A 14 4.99 6.41 -11.38
CA ALA A 14 5.36 5.67 -12.59
C ALA A 14 6.87 5.55 -12.72
N LYS A 15 7.60 6.47 -12.08
CA LYS A 15 9.06 6.46 -12.14
C LYS A 15 9.64 5.28 -11.36
N ASN A 16 9.07 5.00 -10.19
CA ASN A 16 9.54 3.90 -9.35
C ASN A 16 8.41 2.94 -9.00
N TYR A 17 7.39 2.87 -9.86
CA TYR A 17 6.26 1.99 -9.64
C TYR A 17 6.67 0.53 -9.81
N ASN A 18 7.44 0.27 -10.85
CA ASN A 18 7.90 -1.08 -11.16
C ASN A 18 8.93 -1.55 -10.14
N GLU A 19 10.00 -0.79 -9.99
CA GLU A 19 11.08 -1.15 -9.06
C GLU A 19 10.53 -1.48 -7.67
N ILE A 20 9.50 -0.74 -7.26
CA ILE A 20 8.90 -0.95 -5.94
C ILE A 20 8.08 -2.23 -5.89
N VAL A 21 6.87 -2.18 -6.46
CA VAL A 21 5.98 -3.33 -6.48
C VAL A 21 6.73 -4.61 -6.85
N LEU A 22 7.76 -4.47 -7.67
CA LEU A 22 8.57 -5.59 -8.11
C LEU A 22 9.37 -6.19 -6.95
N ASP A 23 9.89 -5.31 -6.09
CA ASP A 23 10.68 -5.75 -4.94
C ASP A 23 10.01 -6.91 -4.21
N ASP A 24 10.41 -8.12 -4.58
CA ASP A 24 9.86 -9.33 -3.97
C ASP A 24 10.59 -9.69 -2.67
N THR A 25 11.70 -9.01 -2.40
CA THR A 25 12.47 -9.27 -1.19
C THR A 25 11.73 -8.78 0.05
N LYS A 26 10.80 -7.84 -0.14
CA LYS A 26 10.03 -7.30 0.97
C LYS A 26 8.54 -7.25 0.62
N ASP A 27 7.71 -7.08 1.64
CA ASP A 27 6.27 -7.02 1.45
C ASP A 27 5.85 -5.62 1.01
N VAL A 28 5.05 -5.56 -0.05
CA VAL A 28 4.58 -4.27 -0.57
C VAL A 28 3.07 -4.14 -0.44
N LEU A 29 2.62 -2.92 -0.17
CA LEU A 29 1.20 -2.63 -0.02
C LEU A 29 0.83 -1.37 -0.78
N ILE A 30 0.30 -1.53 -1.99
CA ILE A 30 -0.09 -0.40 -2.81
C ILE A 30 -1.59 -0.16 -2.76
N GLU A 31 -1.98 1.10 -2.66
CA GLU A 31 -3.39 1.47 -2.61
C GLU A 31 -3.69 2.55 -3.65
N PHE A 32 -4.59 2.24 -4.59
CA PHE A 32 -4.95 3.18 -5.63
C PHE A 32 -6.20 3.96 -5.25
N TYR A 33 -6.24 5.24 -5.61
CA TYR A 33 -7.39 6.09 -5.31
C TYR A 33 -7.45 7.27 -6.28
N ALA A 34 -8.60 7.93 -6.32
CA ALA A 34 -8.79 9.08 -7.19
C ALA A 34 -8.82 10.38 -6.40
N PRO A 35 -8.18 11.45 -6.93
CA PRO A 35 -8.14 12.75 -6.26
C PRO A 35 -9.50 13.44 -6.25
N TRP A 36 -10.45 12.89 -7.00
CA TRP A 36 -11.79 13.46 -7.07
C TRP A 36 -12.76 12.65 -6.21
N CYS A 37 -12.45 11.37 -6.02
CA CYS A 37 -13.30 10.49 -5.22
C CYS A 37 -13.13 10.81 -3.73
N GLY A 38 -14.23 10.70 -2.98
CA GLY A 38 -14.19 10.98 -1.55
C GLY A 38 -13.67 9.80 -0.75
N HIS A 39 -13.83 8.60 -1.28
CA HIS A 39 -13.38 7.40 -0.59
C HIS A 39 -11.88 7.48 -0.25
N CYS A 40 -11.15 8.31 -0.99
CA CYS A 40 -9.72 8.48 -0.76
C CYS A 40 -9.46 9.11 0.60
N LYS A 41 -10.31 10.06 0.99
CA LYS A 41 -10.15 10.74 2.27
C LYS A 41 -10.41 9.79 3.43
N ALA A 42 -11.42 8.95 3.29
CA ALA A 42 -11.77 7.99 4.33
C ALA A 42 -10.65 6.98 4.55
N LEU A 43 -9.90 6.69 3.49
CA LEU A 43 -8.79 5.75 3.57
C LEU A 43 -7.45 6.47 3.67
N ALA A 44 -7.49 7.81 3.70
CA ALA A 44 -6.27 8.61 3.80
C ALA A 44 -5.59 8.44 5.15
N PRO A 45 -6.30 8.75 6.25
CA PRO A 45 -5.74 8.63 7.61
C PRO A 45 -5.58 7.19 8.05
N LYS A 46 -6.46 6.31 7.57
CA LYS A 46 -6.41 4.90 7.92
C LYS A 46 -5.18 4.23 7.31
N TYR A 47 -5.06 4.31 6.00
CA TYR A 47 -3.92 3.72 5.29
C TYR A 47 -2.63 4.41 5.65
N GLU A 48 -2.71 5.70 5.96
CA GLU A 48 -1.54 6.49 6.33
C GLU A 48 -1.00 6.06 7.69
N GLU A 49 -1.90 5.73 8.61
CA GLU A 49 -1.50 5.31 9.95
C GLU A 49 -0.77 3.97 9.90
N LEU A 50 -1.47 2.93 9.46
CA LEU A 50 -0.88 1.59 9.37
C LEU A 50 0.37 1.60 8.49
N GLY A 51 0.40 2.50 7.52
CA GLY A 51 1.54 2.60 6.64
C GLY A 51 2.82 2.84 7.40
N ALA A 52 2.90 3.98 8.07
CA ALA A 52 4.08 4.33 8.86
C ALA A 52 4.23 3.38 10.05
N LEU A 53 3.13 2.77 10.47
CA LEU A 53 3.13 1.85 11.60
C LEU A 53 4.23 0.80 11.45
N TYR A 54 4.08 -0.09 10.47
CA TYR A 54 5.07 -1.14 10.23
C TYR A 54 6.21 -0.64 9.37
N ALA A 55 5.92 0.29 8.47
CA ALA A 55 6.93 0.83 7.57
C ALA A 55 8.19 1.23 8.32
N LYS A 56 8.06 1.62 9.59
CA LYS A 56 9.21 2.02 10.38
C LYS A 56 9.31 1.31 11.74
N SER A 57 8.17 0.90 12.29
CA SER A 57 8.17 0.27 13.60
C SER A 57 8.59 -1.21 13.60
N GLU A 58 7.87 -2.04 12.84
CA GLU A 58 8.17 -3.47 12.81
C GLU A 58 9.05 -3.91 11.64
N PHE A 59 8.59 -3.67 10.43
CA PHE A 59 9.32 -4.07 9.23
C PHE A 59 9.98 -2.87 8.56
N LYS A 60 10.51 -1.97 9.37
CA LYS A 60 11.17 -0.77 8.87
C LYS A 60 12.07 -1.08 7.68
N ASP A 61 12.72 -2.23 7.71
CA ASP A 61 13.60 -2.63 6.62
C ASP A 61 13.12 -3.91 5.96
N ARG A 62 11.81 -4.17 6.01
CA ARG A 62 11.25 -5.37 5.43
C ARG A 62 9.84 -5.16 4.88
N VAL A 63 9.37 -3.91 4.85
CA VAL A 63 8.04 -3.61 4.35
C VAL A 63 7.98 -2.23 3.70
N VAL A 64 7.11 -2.10 2.70
CA VAL A 64 6.94 -0.84 1.99
C VAL A 64 5.48 -0.62 1.61
N ILE A 65 4.81 0.29 2.33
CA ILE A 65 3.41 0.59 2.07
C ILE A 65 3.27 1.98 1.46
N ALA A 66 2.90 2.03 0.18
CA ALA A 66 2.73 3.29 -0.51
C ALA A 66 1.32 3.44 -1.08
N LYS A 67 0.94 4.67 -1.37
CA LYS A 67 -0.38 4.96 -1.94
C LYS A 67 -0.24 5.84 -3.17
N VAL A 68 -0.81 5.40 -4.29
CA VAL A 68 -0.74 6.15 -5.53
C VAL A 68 -2.13 6.39 -6.11
N ASP A 69 -2.22 7.38 -7.00
CA ASP A 69 -3.49 7.71 -7.64
C ASP A 69 -3.58 7.04 -9.00
N ALA A 70 -4.79 6.70 -9.42
CA ALA A 70 -4.99 6.03 -10.71
C ALA A 70 -5.15 7.04 -11.84
N THR A 71 -5.06 8.33 -11.52
CA THR A 71 -5.22 9.37 -12.53
C THR A 71 -3.95 10.21 -12.68
N ALA A 72 -2.77 9.61 -12.51
CA ALA A 72 -1.52 10.34 -12.64
C ALA A 72 -0.30 9.46 -12.42
N ASN A 73 -0.18 8.39 -13.22
CA ASN A 73 0.95 7.49 -13.11
C ASN A 73 0.74 6.23 -13.96
N ASP A 74 1.70 5.32 -13.91
CA ASP A 74 1.63 4.08 -14.67
C ASP A 74 0.33 3.32 -14.38
N VAL A 75 0.21 2.81 -13.16
CA VAL A 75 -0.97 2.06 -12.74
C VAL A 75 -1.43 1.09 -13.83
N PRO A 76 -0.52 0.23 -14.31
CA PRO A 76 -0.83 -0.76 -15.36
C PRO A 76 -1.91 -1.74 -14.93
N ASP A 77 -1.96 -2.02 -13.63
CA ASP A 77 -2.94 -2.95 -13.08
C ASP A 77 -4.36 -2.48 -13.41
N GLU A 78 -5.24 -3.45 -13.66
CA GLU A 78 -6.63 -3.15 -13.99
C GLU A 78 -7.45 -2.93 -12.72
N ILE A 79 -8.38 -1.99 -12.77
CA ILE A 79 -9.23 -1.69 -11.62
C ILE A 79 -10.68 -1.45 -12.04
N GLN A 80 -11.61 -1.83 -11.18
CA GLN A 80 -13.03 -1.62 -11.44
C GLN A 80 -13.34 -0.14 -11.21
N GLY A 81 -12.79 0.37 -10.13
CA GLY A 81 -12.94 1.77 -9.77
C GLY A 81 -11.59 2.32 -9.36
N PHE A 82 -11.27 2.21 -8.08
CA PHE A 82 -9.97 2.63 -7.57
C PHE A 82 -9.73 2.16 -6.20
N PRO A 83 -10.57 2.55 -5.25
CA PRO A 83 -10.41 2.15 -3.89
C PRO A 83 -10.01 0.71 -3.81
N THR A 84 -8.78 0.53 -4.18
CA THR A 84 -8.15 -0.78 -4.29
C THR A 84 -6.99 -0.94 -3.32
N ILE A 85 -6.79 -2.16 -2.87
CA ILE A 85 -5.72 -2.48 -1.94
C ILE A 85 -5.06 -3.80 -2.33
N LYS A 86 -3.84 -3.71 -2.84
CA LYS A 86 -3.11 -4.91 -3.27
C LYS A 86 -1.93 -5.18 -2.36
N LEU A 87 -1.58 -6.47 -2.24
CA LEU A 87 -0.45 -6.88 -1.41
C LEU A 87 0.45 -7.85 -2.16
N TYR A 88 1.70 -7.46 -2.35
CA TYR A 88 2.67 -8.29 -3.05
C TYR A 88 3.49 -9.11 -2.06
N PRO A 89 3.17 -10.42 -1.91
CA PRO A 89 3.89 -11.30 -0.99
C PRO A 89 5.34 -11.50 -1.38
N ALA A 90 6.25 -11.22 -0.45
CA ALA A 90 7.68 -11.39 -0.69
C ALA A 90 8.00 -12.79 -1.20
N GLY A 91 8.65 -12.86 -2.36
CA GLY A 91 9.00 -14.14 -2.93
C GLY A 91 7.98 -14.60 -3.95
N ALA A 92 6.74 -14.18 -3.76
CA ALA A 92 5.67 -14.55 -4.67
C ALA A 92 5.16 -13.33 -5.44
N LYS A 93 5.84 -12.99 -6.52
CA LYS A 93 5.46 -11.84 -7.34
C LYS A 93 4.48 -12.26 -8.44
N GLY A 94 3.43 -12.98 -8.04
CA GLY A 94 2.45 -13.43 -9.00
C GLY A 94 1.14 -13.82 -8.34
N GLN A 95 0.89 -13.34 -7.13
CA GLN A 95 -0.33 -13.65 -6.41
C GLN A 95 -0.79 -12.47 -5.55
N PRO A 96 -0.91 -11.26 -6.14
CA PRO A 96 -1.34 -10.08 -5.41
C PRO A 96 -2.78 -10.19 -4.94
N VAL A 97 -3.03 -9.87 -3.67
CA VAL A 97 -4.37 -9.93 -3.10
C VAL A 97 -5.20 -8.73 -3.54
N THR A 98 -6.52 -8.91 -3.59
CA THR A 98 -7.42 -7.83 -3.99
C THR A 98 -8.55 -7.68 -2.99
N TYR A 99 -8.54 -6.57 -2.26
CA TYR A 99 -9.57 -6.28 -1.27
C TYR A 99 -10.90 -5.98 -1.93
N SER A 100 -11.97 -6.59 -1.42
CA SER A 100 -13.31 -6.38 -1.96
C SER A 100 -14.09 -5.40 -1.10
N GLY A 101 -13.37 -4.57 -0.34
CA GLY A 101 -14.03 -3.60 0.52
C GLY A 101 -13.58 -3.71 1.97
N SER A 102 -12.62 -2.87 2.35
CA SER A 102 -12.10 -2.88 3.71
C SER A 102 -13.20 -2.59 4.71
N ARG A 103 -13.21 -3.35 5.80
CA ARG A 103 -14.21 -3.18 6.85
C ARG A 103 -13.67 -2.34 8.00
N THR A 104 -12.37 -2.44 8.24
CA THR A 104 -11.72 -1.69 9.31
C THR A 104 -10.20 -1.77 9.18
N VAL A 105 -9.51 -0.93 9.95
CA VAL A 105 -8.05 -0.90 9.92
C VAL A 105 -7.47 -2.24 10.37
N GLU A 106 -7.96 -2.74 11.49
CA GLU A 106 -7.48 -4.01 12.04
C GLU A 106 -7.57 -5.12 10.98
N ASP A 107 -8.52 -5.00 10.07
CA ASP A 107 -8.71 -5.98 9.01
C ASP A 107 -7.60 -5.88 7.97
N LEU A 108 -7.18 -4.65 7.69
CA LEU A 108 -6.12 -4.40 6.70
C LEU A 108 -4.79 -4.93 7.21
N ILE A 109 -4.58 -4.85 8.52
CA ILE A 109 -3.34 -5.32 9.13
C ILE A 109 -3.25 -6.84 9.09
N LYS A 110 -4.31 -7.50 9.54
CA LYS A 110 -4.36 -8.96 9.56
C LYS A 110 -4.24 -9.52 8.13
N PHE A 111 -4.60 -8.72 7.15
CA PHE A 111 -4.53 -9.14 5.75
C PHE A 111 -3.09 -9.20 5.27
N ILE A 112 -2.35 -8.12 5.53
CA ILE A 112 -0.94 -8.03 5.12
C ILE A 112 -0.15 -9.22 5.64
N ALA A 113 -0.38 -9.58 6.90
CA ALA A 113 0.32 -10.70 7.52
C ALA A 113 -0.28 -12.04 7.08
N GLU A 114 -1.52 -12.00 6.58
CA GLU A 114 -2.20 -13.21 6.13
C GLU A 114 -1.71 -13.64 4.75
N ASN A 115 -1.72 -12.71 3.81
CA ASN A 115 -1.28 -13.00 2.45
C ASN A 115 0.20 -12.69 2.28
N GLY A 116 0.68 -11.69 3.01
CA GLY A 116 2.07 -11.32 2.92
C GLY A 116 3.01 -12.46 3.27
N LYS A 117 3.83 -12.86 2.32
CA LYS A 117 4.78 -13.95 2.52
C LYS A 117 5.69 -13.67 3.71
N TYR A 118 6.14 -12.42 3.83
CA TYR A 118 7.01 -12.01 4.92
C TYR A 118 6.22 -11.83 6.21
N LYS A 119 4.89 -11.77 6.10
CA LYS A 119 4.02 -11.58 7.27
C LYS A 119 4.24 -10.19 7.87
N ALA A 120 4.16 -9.17 7.03
CA ALA A 120 4.35 -7.80 7.49
C ALA A 120 3.23 -7.37 8.44
N ALA A 121 3.32 -7.83 9.68
CA ALA A 121 2.32 -7.50 10.69
C ALA A 121 2.66 -8.16 12.03
N GLY A 1 15.40 22.73 15.15
CA GLY A 1 15.26 23.93 14.29
C GLY A 1 13.87 24.07 13.70
N PRO A 2 13.75 24.71 12.52
CA PRO A 2 12.45 24.90 11.86
C PRO A 2 11.68 23.59 11.71
N LEU A 3 12.41 22.51 11.45
CA LEU A 3 11.80 21.20 11.28
C LEU A 3 10.81 21.21 10.12
N GLY A 4 10.27 20.03 9.79
CA GLY A 4 9.32 19.93 8.70
C GLY A 4 9.62 18.75 7.79
N SER A 5 9.88 17.59 8.38
CA SER A 5 10.17 16.39 7.61
C SER A 5 9.22 15.26 7.98
N GLU A 6 8.16 15.11 7.19
CA GLU A 6 7.16 14.07 7.43
C GLU A 6 7.23 13.00 6.34
N GLY A 7 6.55 11.88 6.58
CA GLY A 7 6.54 10.80 5.60
C GLY A 7 5.98 9.52 6.18
N PRO A 8 4.71 9.52 6.62
CA PRO A 8 4.07 8.34 7.19
C PRO A 8 3.80 7.26 6.14
N VAL A 9 3.34 7.68 4.97
CA VAL A 9 3.04 6.75 3.88
C VAL A 9 4.09 6.85 2.77
N THR A 10 4.40 5.72 2.15
CA THR A 10 5.38 5.68 1.07
C THR A 10 4.79 6.26 -0.21
N VAL A 11 5.62 6.96 -0.98
CA VAL A 11 5.19 7.56 -2.23
C VAL A 11 5.55 6.69 -3.42
N VAL A 12 4.57 6.45 -4.28
CA VAL A 12 4.79 5.62 -5.47
C VAL A 12 4.25 6.32 -6.71
N VAL A 13 5.00 6.25 -7.80
CA VAL A 13 4.61 6.87 -9.06
C VAL A 13 5.11 6.04 -10.25
N ALA A 14 4.64 6.38 -11.44
CA ALA A 14 5.05 5.66 -12.65
C ALA A 14 6.57 5.66 -12.78
N LYS A 15 7.22 6.63 -12.14
CA LYS A 15 8.67 6.75 -12.19
C LYS A 15 9.35 5.64 -11.39
N ASN A 16 8.70 5.20 -10.31
CA ASN A 16 9.26 4.15 -9.47
C ASN A 16 8.20 3.13 -9.07
N TYR A 17 7.18 2.98 -9.91
CA TYR A 17 6.10 2.03 -9.64
C TYR A 17 6.60 0.60 -9.75
N ASN A 18 7.36 0.34 -10.80
CA ASN A 18 7.90 -0.99 -11.04
C ASN A 18 8.94 -1.37 -9.99
N GLU A 19 9.96 -0.54 -9.85
CA GLU A 19 11.04 -0.82 -8.89
C GLU A 19 10.48 -1.14 -7.50
N ILE A 20 9.40 -0.47 -7.13
CA ILE A 20 8.78 -0.67 -5.83
C ILE A 20 8.05 -2.02 -5.76
N VAL A 21 6.85 -2.06 -6.33
CA VAL A 21 6.04 -3.28 -6.32
C VAL A 21 6.87 -4.51 -6.66
N LEU A 22 7.90 -4.30 -7.48
CA LEU A 22 8.80 -5.39 -7.88
C LEU A 22 9.61 -5.90 -6.70
N ASP A 23 10.07 -4.98 -5.85
CA ASP A 23 10.86 -5.34 -4.68
C ASP A 23 10.27 -6.53 -3.94
N ASP A 24 10.76 -7.73 -4.28
CA ASP A 24 10.29 -8.96 -3.66
C ASP A 24 11.01 -9.24 -2.34
N THR A 25 12.06 -8.49 -2.06
CA THR A 25 12.83 -8.66 -0.83
C THR A 25 12.04 -8.20 0.39
N LYS A 26 10.91 -7.54 0.17
CA LYS A 26 10.08 -7.06 1.27
C LYS A 26 8.60 -7.07 0.89
N ASP A 27 7.75 -6.91 1.89
CA ASP A 27 6.30 -6.90 1.66
C ASP A 27 5.85 -5.52 1.18
N VAL A 28 5.07 -5.51 0.10
CA VAL A 28 4.57 -4.26 -0.46
C VAL A 28 3.06 -4.17 -0.35
N LEU A 29 2.57 -2.97 -0.06
CA LEU A 29 1.14 -2.72 0.08
C LEU A 29 0.75 -1.42 -0.61
N ILE A 30 0.27 -1.51 -1.84
CA ILE A 30 -0.13 -0.34 -2.60
C ILE A 30 -1.65 -0.17 -2.60
N GLU A 31 -2.10 1.08 -2.55
CA GLU A 31 -3.52 1.38 -2.56
C GLU A 31 -3.85 2.45 -3.60
N PHE A 32 -4.73 2.11 -4.54
CA PHE A 32 -5.12 3.04 -5.59
C PHE A 32 -6.38 3.80 -5.21
N TYR A 33 -6.42 5.09 -5.56
CA TYR A 33 -7.58 5.92 -5.25
C TYR A 33 -7.69 7.07 -6.25
N ALA A 34 -8.83 7.75 -6.24
CA ALA A 34 -9.06 8.87 -7.14
C ALA A 34 -9.11 10.18 -6.36
N PRO A 35 -8.42 11.23 -6.86
CA PRO A 35 -8.40 12.54 -6.19
C PRO A 35 -9.77 13.19 -6.16
N TRP A 36 -10.70 12.67 -6.97
CA TRP A 36 -12.06 13.19 -7.01
C TRP A 36 -13.03 12.30 -6.25
N CYS A 37 -12.62 11.05 -6.03
CA CYS A 37 -13.46 10.10 -5.31
C CYS A 37 -13.31 10.25 -3.81
N GLY A 38 -14.40 10.61 -3.13
CA GLY A 38 -14.35 10.79 -1.69
C GLY A 38 -13.88 9.55 -0.95
N HIS A 39 -14.00 8.40 -1.61
CA HIS A 39 -13.58 7.13 -1.01
C HIS A 39 -12.13 7.21 -0.52
N CYS A 40 -11.33 8.04 -1.18
CA CYS A 40 -9.93 8.20 -0.81
C CYS A 40 -9.81 8.90 0.55
N LYS A 41 -10.73 9.83 0.81
CA LYS A 41 -10.73 10.57 2.07
C LYS A 41 -10.99 9.64 3.25
N ALA A 42 -11.76 8.58 3.00
CA ALA A 42 -12.09 7.61 4.05
C ALA A 42 -10.93 6.66 4.30
N LEU A 43 -10.13 6.41 3.27
CA LEU A 43 -8.98 5.51 3.39
C LEU A 43 -7.67 6.28 3.56
N ALA A 44 -7.76 7.62 3.54
CA ALA A 44 -6.58 8.46 3.70
C ALA A 44 -6.00 8.37 5.11
N PRO A 45 -6.85 8.52 6.14
CA PRO A 45 -6.42 8.47 7.54
C PRO A 45 -6.11 7.05 7.99
N LYS A 46 -7.06 6.14 7.76
CA LYS A 46 -6.88 4.75 8.17
C LYS A 46 -5.65 4.13 7.51
N TYR A 47 -5.60 4.16 6.18
CA TYR A 47 -4.49 3.59 5.44
C TYR A 47 -3.16 4.24 5.85
N GLU A 48 -3.21 5.54 6.13
CA GLU A 48 -2.02 6.27 6.53
C GLU A 48 -1.52 5.80 7.89
N GLU A 49 -2.44 5.37 8.76
CA GLU A 49 -2.09 4.90 10.09
C GLU A 49 -1.33 3.58 10.02
N LEU A 50 -2.00 2.55 9.53
CA LEU A 50 -1.40 1.22 9.40
C LEU A 50 -0.12 1.29 8.57
N GLY A 51 -0.09 2.21 7.62
CA GLY A 51 1.07 2.35 6.77
C GLY A 51 2.33 2.61 7.57
N ALA A 52 2.36 3.75 8.26
CA ALA A 52 3.51 4.12 9.07
C ALA A 52 3.67 3.15 10.25
N LEU A 53 2.58 2.49 10.63
CA LEU A 53 2.60 1.55 11.75
C LEU A 53 3.71 0.53 11.59
N TYR A 54 3.59 -0.34 10.60
CA TYR A 54 4.60 -1.37 10.36
C TYR A 54 5.74 -0.84 9.52
N ALA A 55 5.45 0.12 8.65
CA ALA A 55 6.46 0.70 7.79
C ALA A 55 7.72 1.08 8.55
N LYS A 56 7.56 1.43 9.82
CA LYS A 56 8.71 1.82 10.65
C LYS A 56 8.77 1.08 11.99
N SER A 57 7.63 0.64 12.51
CA SER A 57 7.61 -0.03 13.81
C SER A 57 8.02 -1.51 13.75
N GLU A 58 7.32 -2.31 12.95
CA GLU A 58 7.60 -3.73 12.86
C GLU A 58 8.49 -4.10 11.67
N PHE A 59 8.02 -3.80 10.46
CA PHE A 59 8.76 -4.12 9.25
C PHE A 59 9.47 -2.90 8.69
N LYS A 60 10.01 -2.08 9.60
CA LYS A 60 10.72 -0.87 9.20
C LYS A 60 11.62 -1.11 8.00
N ASP A 61 12.32 -2.23 7.99
CA ASP A 61 13.22 -2.58 6.89
C ASP A 61 12.77 -3.87 6.21
N ARG A 62 11.47 -4.15 6.25
CA ARG A 62 10.95 -5.37 5.64
C ARG A 62 9.59 -5.17 4.97
N VAL A 63 9.10 -3.93 4.93
CA VAL A 63 7.81 -3.65 4.31
C VAL A 63 7.74 -2.22 3.75
N VAL A 64 6.91 -2.04 2.74
CA VAL A 64 6.73 -0.73 2.11
C VAL A 64 5.29 -0.52 1.69
N ILE A 65 4.57 0.31 2.44
CA ILE A 65 3.16 0.60 2.15
C ILE A 65 3.00 1.99 1.54
N ALA A 66 2.72 2.03 0.24
CA ALA A 66 2.55 3.31 -0.45
C ALA A 66 1.13 3.46 -1.00
N LYS A 67 0.80 4.69 -1.39
CA LYS A 67 -0.52 4.99 -1.92
C LYS A 67 -0.41 5.84 -3.18
N VAL A 68 -1.01 5.37 -4.27
CA VAL A 68 -0.96 6.09 -5.54
C VAL A 68 -2.35 6.30 -6.11
N ASP A 69 -2.48 7.28 -7.00
CA ASP A 69 -3.77 7.58 -7.64
C ASP A 69 -3.85 6.87 -8.99
N ALA A 70 -5.06 6.50 -9.39
CA ALA A 70 -5.26 5.81 -10.66
C ALA A 70 -5.46 6.81 -11.80
N THR A 71 -5.40 8.10 -11.50
CA THR A 71 -5.58 9.12 -12.52
C THR A 71 -4.33 10.00 -12.68
N ALA A 72 -3.14 9.41 -12.53
CA ALA A 72 -1.91 10.16 -12.66
C ALA A 72 -0.66 9.31 -12.47
N ASN A 73 -0.54 8.23 -13.24
CA ASN A 73 0.61 7.34 -13.16
C ASN A 73 0.40 6.08 -13.99
N ASP A 74 1.37 5.17 -13.93
CA ASP A 74 1.31 3.92 -14.69
C ASP A 74 0.03 3.16 -14.37
N VAL A 75 -0.08 2.69 -13.12
CA VAL A 75 -1.24 1.93 -12.67
C VAL A 75 -1.68 0.89 -13.71
N PRO A 76 -0.73 0.04 -14.15
CA PRO A 76 -1.01 -1.00 -15.15
C PRO A 76 -2.07 -1.98 -14.68
N ASP A 77 -2.13 -2.20 -13.36
CA ASP A 77 -3.11 -3.12 -12.78
C ASP A 77 -4.53 -2.71 -13.14
N GLU A 78 -5.40 -3.70 -13.33
CA GLU A 78 -6.79 -3.44 -13.67
C GLU A 78 -7.62 -3.14 -12.42
N ILE A 79 -8.59 -2.25 -12.56
CA ILE A 79 -9.45 -1.89 -11.43
C ILE A 79 -10.89 -1.64 -11.87
N GLN A 80 -11.83 -2.00 -11.00
CA GLN A 80 -13.24 -1.78 -11.28
C GLN A 80 -13.54 -0.30 -11.06
N GLY A 81 -13.05 0.20 -9.94
CA GLY A 81 -13.19 1.61 -9.60
C GLY A 81 -11.85 2.16 -9.22
N PHE A 82 -11.49 2.03 -7.95
CA PHE A 82 -10.18 2.45 -7.46
C PHE A 82 -9.89 1.96 -6.10
N PRO A 83 -10.73 2.33 -5.13
CA PRO A 83 -10.52 1.91 -3.77
C PRO A 83 -10.11 0.47 -3.73
N THR A 84 -8.88 0.30 -4.14
CA THR A 84 -8.25 -0.99 -4.28
C THR A 84 -7.07 -1.16 -3.33
N ILE A 85 -6.86 -2.39 -2.91
CA ILE A 85 -5.77 -2.71 -2.02
C ILE A 85 -5.06 -3.98 -2.47
N LYS A 86 -3.85 -3.82 -3.01
CA LYS A 86 -3.07 -4.95 -3.49
C LYS A 86 -1.89 -5.23 -2.58
N LEU A 87 -1.59 -6.52 -2.39
CA LEU A 87 -0.50 -6.93 -1.53
C LEU A 87 0.47 -7.83 -2.29
N TYR A 88 1.70 -7.34 -2.47
CA TYR A 88 2.73 -8.08 -3.19
C TYR A 88 3.53 -8.94 -2.20
N PRO A 89 3.31 -10.27 -2.21
CA PRO A 89 4.02 -11.19 -1.31
C PRO A 89 5.51 -11.27 -1.64
N ALA A 90 6.34 -11.05 -0.63
CA ALA A 90 7.79 -11.10 -0.81
C ALA A 90 8.25 -12.51 -1.19
N GLY A 91 8.80 -12.63 -2.39
CA GLY A 91 9.27 -13.91 -2.87
C GLY A 91 8.36 -14.52 -3.92
N ALA A 92 7.08 -14.15 -3.88
CA ALA A 92 6.11 -14.65 -4.85
C ALA A 92 5.71 -13.57 -5.84
N LYS A 93 6.56 -13.34 -6.84
CA LYS A 93 6.29 -12.33 -7.86
C LYS A 93 5.20 -12.80 -8.80
N GLY A 94 3.99 -12.98 -8.28
CA GLY A 94 2.87 -13.43 -9.10
C GLY A 94 1.72 -13.94 -8.27
N GLN A 95 1.43 -13.25 -7.17
CA GLN A 95 0.33 -13.65 -6.29
C GLN A 95 -0.19 -12.44 -5.50
N PRO A 96 -0.56 -11.35 -6.20
CA PRO A 96 -1.07 -10.14 -5.56
C PRO A 96 -2.47 -10.34 -4.99
N VAL A 97 -2.68 -9.86 -3.77
CA VAL A 97 -3.98 -9.99 -3.11
C VAL A 97 -4.96 -8.96 -3.65
N THR A 98 -6.19 -9.41 -3.90
CA THR A 98 -7.23 -8.53 -4.42
C THR A 98 -8.27 -8.23 -3.35
N TYR A 99 -8.21 -7.01 -2.81
CA TYR A 99 -9.16 -6.59 -1.78
C TYR A 99 -10.49 -6.17 -2.40
N SER A 100 -11.55 -6.89 -2.05
CA SER A 100 -12.88 -6.58 -2.57
C SER A 100 -13.41 -5.29 -1.98
N GLY A 101 -12.93 -4.94 -0.79
CA GLY A 101 -13.37 -3.72 -0.14
C GLY A 101 -13.04 -3.71 1.35
N SER A 102 -12.00 -2.97 1.70
CA SER A 102 -11.58 -2.87 3.11
C SER A 102 -12.71 -2.31 3.97
N ARG A 103 -13.06 -3.06 5.02
CA ARG A 103 -14.12 -2.64 5.93
C ARG A 103 -13.55 -1.84 7.10
N THR A 104 -12.33 -2.18 7.49
CA THR A 104 -11.67 -1.49 8.60
C THR A 104 -10.17 -1.72 8.56
N VAL A 105 -9.45 -1.07 9.48
CA VAL A 105 -8.00 -1.20 9.55
C VAL A 105 -7.59 -2.57 10.06
N GLU A 106 -8.27 -3.04 11.10
CA GLU A 106 -7.98 -4.35 11.70
C GLU A 106 -8.02 -5.45 10.64
N ASP A 107 -8.82 -5.24 9.60
CA ASP A 107 -8.95 -6.21 8.52
C ASP A 107 -7.77 -6.13 7.56
N LEU A 108 -7.36 -4.91 7.25
CA LEU A 108 -6.25 -4.70 6.33
C LEU A 108 -4.94 -5.23 6.92
N ILE A 109 -4.83 -5.19 8.24
CA ILE A 109 -3.63 -5.67 8.93
C ILE A 109 -3.55 -7.18 8.88
N LYS A 110 -4.59 -7.85 9.39
CA LYS A 110 -4.62 -9.31 9.41
C LYS A 110 -4.48 -9.87 8.00
N PHE A 111 -4.85 -9.07 7.00
CA PHE A 111 -4.76 -9.50 5.61
C PHE A 111 -3.30 -9.58 5.16
N ILE A 112 -2.59 -8.48 5.30
CA ILE A 112 -1.18 -8.41 4.90
C ILE A 112 -0.39 -9.59 5.47
N ALA A 113 -0.70 -9.96 6.71
CA ALA A 113 -0.01 -11.07 7.37
C ALA A 113 -0.59 -12.42 6.95
N GLU A 114 -1.81 -12.41 6.42
CA GLU A 114 -2.46 -13.64 5.98
C GLU A 114 -2.12 -13.95 4.53
N ASN A 115 -1.88 -12.91 3.74
CA ASN A 115 -1.55 -13.07 2.34
C ASN A 115 -0.04 -12.88 2.10
N GLY A 116 0.54 -11.93 2.84
CA GLY A 116 1.95 -11.65 2.69
C GLY A 116 2.82 -12.85 3.05
N LYS A 117 3.67 -13.25 2.11
CA LYS A 117 4.55 -14.38 2.32
C LYS A 117 5.47 -14.14 3.51
N TYR A 118 5.80 -12.86 3.74
CA TYR A 118 6.67 -12.48 4.85
C TYR A 118 5.86 -12.24 6.12
N LYS A 119 4.53 -12.25 6.00
CA LYS A 119 3.66 -12.02 7.14
C LYS A 119 3.87 -10.63 7.72
N ALA A 120 3.77 -9.62 6.86
CA ALA A 120 3.96 -8.24 7.28
C ALA A 120 2.88 -7.81 8.26
N ALA A 121 3.04 -8.20 9.53
CA ALA A 121 2.08 -7.85 10.56
C ALA A 121 2.48 -8.47 11.90
N GLY A 1 12.89 20.12 12.07
CA GLY A 1 13.13 18.65 11.89
C GLY A 1 13.19 18.26 10.43
N PRO A 2 13.46 16.98 10.13
CA PRO A 2 13.53 16.48 8.75
C PRO A 2 12.31 16.85 7.93
N LEU A 3 12.46 16.82 6.61
CA LEU A 3 11.36 17.15 5.71
C LEU A 3 10.40 15.97 5.56
N GLY A 4 9.56 15.76 6.57
CA GLY A 4 8.60 14.67 6.53
C GLY A 4 7.52 14.82 7.57
N SER A 5 6.95 16.01 7.67
CA SER A 5 5.88 16.28 8.64
C SER A 5 4.58 15.63 8.21
N GLU A 6 4.19 15.87 6.96
CA GLU A 6 2.96 15.31 6.42
C GLU A 6 3.25 14.22 5.40
N GLY A 7 4.24 13.37 5.71
CA GLY A 7 4.61 12.30 4.80
C GLY A 7 4.90 11.00 5.54
N PRO A 8 3.97 10.54 6.40
CA PRO A 8 4.15 9.30 7.16
C PRO A 8 4.08 8.06 6.28
N VAL A 9 3.34 8.17 5.17
CA VAL A 9 3.19 7.06 4.24
C VAL A 9 4.16 7.17 3.07
N THR A 10 4.64 6.02 2.59
CA THR A 10 5.57 6.00 1.47
C THR A 10 4.90 6.47 0.19
N VAL A 11 5.64 7.20 -0.64
CA VAL A 11 5.12 7.70 -1.90
C VAL A 11 5.56 6.85 -3.08
N VAL A 12 4.59 6.42 -3.88
CA VAL A 12 4.87 5.60 -5.06
C VAL A 12 4.48 6.34 -6.34
N VAL A 13 5.35 6.27 -7.34
CA VAL A 13 5.10 6.93 -8.61
C VAL A 13 5.57 6.07 -9.77
N ALA A 14 5.14 6.41 -10.98
CA ALA A 14 5.54 5.67 -12.18
C ALA A 14 7.05 5.51 -12.26
N LYS A 15 7.77 6.45 -11.63
CA LYS A 15 9.23 6.41 -11.63
C LYS A 15 9.75 5.27 -10.76
N ASN A 16 9.10 5.03 -9.63
CA ASN A 16 9.51 3.98 -8.72
C ASN A 16 8.36 3.01 -8.45
N TYR A 17 7.48 2.85 -9.43
CA TYR A 17 6.33 1.96 -9.29
C TYR A 17 6.76 0.51 -9.43
N ASN A 18 7.62 0.25 -10.41
CA ASN A 18 8.11 -1.10 -10.66
C ASN A 18 9.06 -1.56 -9.56
N GLU A 19 10.09 -0.78 -9.31
CA GLU A 19 11.07 -1.12 -8.28
C GLU A 19 10.39 -1.38 -6.93
N ILE A 20 9.43 -0.54 -6.58
CA ILE A 20 8.72 -0.67 -5.32
C ILE A 20 7.73 -1.84 -5.31
N VAL A 21 6.60 -1.65 -6.00
CA VAL A 21 5.55 -2.66 -6.06
C VAL A 21 6.11 -4.05 -6.38
N LEU A 22 6.96 -4.11 -7.41
CA LEU A 22 7.55 -5.38 -7.83
C LEU A 22 8.62 -5.88 -6.87
N ASP A 23 9.21 -4.97 -6.07
CA ASP A 23 10.24 -5.36 -5.11
C ASP A 23 9.83 -6.61 -4.32
N ASP A 24 10.18 -7.77 -4.86
CA ASP A 24 9.85 -9.04 -4.22
C ASP A 24 10.74 -9.32 -3.00
N THR A 25 11.79 -8.51 -2.84
CA THR A 25 12.71 -8.68 -1.73
C THR A 25 12.06 -8.29 -0.40
N LYS A 26 10.94 -7.58 -0.48
CA LYS A 26 10.22 -7.14 0.72
C LYS A 26 8.71 -7.10 0.47
N ASP A 27 7.95 -6.98 1.55
CA ASP A 27 6.49 -6.91 1.45
C ASP A 27 6.04 -5.50 1.10
N VAL A 28 5.17 -5.38 0.10
CA VAL A 28 4.68 -4.08 -0.33
C VAL A 28 3.16 -3.98 -0.17
N LEU A 29 2.69 -2.78 0.12
CA LEU A 29 1.27 -2.51 0.29
C LEU A 29 0.88 -1.22 -0.41
N ILE A 30 0.36 -1.33 -1.62
CA ILE A 30 -0.04 -0.16 -2.40
C ILE A 30 -1.55 0.03 -2.37
N GLU A 31 -1.97 1.29 -2.29
CA GLU A 31 -3.39 1.63 -2.27
C GLU A 31 -3.70 2.69 -3.33
N PHE A 32 -4.47 2.31 -4.33
CA PHE A 32 -4.83 3.24 -5.41
C PHE A 32 -6.10 4.01 -5.05
N TYR A 33 -6.12 5.29 -5.41
CA TYR A 33 -7.28 6.13 -5.13
C TYR A 33 -7.32 7.33 -6.08
N ALA A 34 -8.46 8.02 -6.07
CA ALA A 34 -8.64 9.19 -6.93
C ALA A 34 -8.77 10.46 -6.10
N PRO A 35 -8.15 11.57 -6.55
CA PRO A 35 -8.21 12.85 -5.85
C PRO A 35 -9.61 13.48 -5.88
N TRP A 36 -10.50 12.90 -6.67
CA TRP A 36 -11.86 13.41 -6.78
C TRP A 36 -12.85 12.50 -6.06
N CYS A 37 -12.45 11.26 -5.81
CA CYS A 37 -13.32 10.30 -5.12
C CYS A 37 -13.38 10.58 -3.63
N GLY A 38 -14.59 10.53 -3.07
CA GLY A 38 -14.75 10.79 -1.65
C GLY A 38 -14.44 9.58 -0.78
N HIS A 39 -14.96 8.41 -1.17
CA HIS A 39 -14.73 7.18 -0.42
C HIS A 39 -13.26 7.01 -0.10
N CYS A 40 -12.40 7.50 -0.99
CA CYS A 40 -10.96 7.40 -0.80
C CYS A 40 -10.50 8.29 0.35
N LYS A 41 -11.17 9.42 0.53
CA LYS A 41 -10.83 10.36 1.60
C LYS A 41 -11.03 9.69 2.96
N ALA A 42 -11.96 8.75 3.03
CA ALA A 42 -12.23 8.04 4.27
C ALA A 42 -11.10 7.06 4.59
N LEU A 43 -10.57 6.43 3.56
CA LEU A 43 -9.48 5.47 3.72
C LEU A 43 -8.12 6.18 3.82
N ALA A 44 -8.14 7.50 3.76
CA ALA A 44 -6.92 8.29 3.84
C ALA A 44 -6.25 8.16 5.21
N PRO A 45 -6.97 8.50 6.30
CA PRO A 45 -6.42 8.43 7.66
C PRO A 45 -6.26 7.00 8.15
N LYS A 46 -7.07 6.08 7.61
CA LYS A 46 -7.00 4.69 8.02
C LYS A 46 -5.78 3.99 7.42
N TYR A 47 -5.68 4.02 6.09
CA TYR A 47 -4.56 3.39 5.40
C TYR A 47 -3.26 4.12 5.72
N GLU A 48 -3.35 5.42 5.95
CA GLU A 48 -2.17 6.23 6.26
C GLU A 48 -1.63 5.89 7.64
N GLU A 49 -2.53 5.54 8.55
CA GLU A 49 -2.13 5.18 9.92
C GLU A 49 -1.36 3.87 9.92
N LEU A 50 -2.02 2.80 9.52
CA LEU A 50 -1.39 1.48 9.47
C LEU A 50 -0.14 1.50 8.60
N GLY A 51 -0.14 2.36 7.59
CA GLY A 51 1.00 2.46 6.71
C GLY A 51 2.28 2.78 7.46
N ALA A 52 2.31 3.94 8.09
CA ALA A 52 3.47 4.35 8.87
C ALA A 52 3.66 3.45 10.09
N LEU A 53 2.57 2.83 10.53
CA LEU A 53 2.61 1.95 11.69
C LEU A 53 3.75 0.94 11.58
N TYR A 54 3.63 0.01 10.64
CA TYR A 54 4.66 -1.01 10.45
C TYR A 54 5.79 -0.51 9.56
N ALA A 55 5.45 0.37 8.62
CA ALA A 55 6.43 0.91 7.69
C ALA A 55 7.69 1.39 8.41
N LYS A 56 7.55 1.84 9.65
CA LYS A 56 8.70 2.33 10.41
C LYS A 56 8.82 1.70 11.81
N SER A 57 7.70 1.28 12.39
CA SER A 57 7.73 0.71 13.73
C SER A 57 8.19 -0.75 13.79
N GLU A 58 7.51 -1.63 13.07
CA GLU A 58 7.84 -3.06 13.10
C GLU A 58 8.73 -3.52 11.96
N PHE A 59 8.26 -3.35 10.73
CA PHE A 59 9.01 -3.80 9.56
C PHE A 59 9.66 -2.64 8.82
N LYS A 60 10.18 -1.68 9.58
CA LYS A 60 10.82 -0.51 9.00
C LYS A 60 11.83 -0.90 7.92
N ASP A 61 12.45 -2.06 8.08
CA ASP A 61 13.43 -2.55 7.11
C ASP A 61 12.98 -3.87 6.50
N ARG A 62 11.68 -4.01 6.28
CA ARG A 62 11.12 -5.23 5.71
C ARG A 62 9.86 -4.97 4.91
N VAL A 63 9.04 -4.02 5.36
CA VAL A 63 7.78 -3.70 4.68
C VAL A 63 7.80 -2.29 4.11
N VAL A 64 7.00 -2.07 3.07
CA VAL A 64 6.89 -0.76 2.44
C VAL A 64 5.46 -0.49 1.99
N ILE A 65 4.78 0.39 2.73
CA ILE A 65 3.41 0.74 2.41
C ILE A 65 3.31 2.14 1.83
N ALA A 66 2.81 2.24 0.61
CA ALA A 66 2.68 3.53 -0.06
C ALA A 66 1.29 3.70 -0.67
N LYS A 67 0.95 4.94 -1.02
CA LYS A 67 -0.34 5.24 -1.62
C LYS A 67 -0.17 6.05 -2.89
N VAL A 68 -0.73 5.55 -3.99
CA VAL A 68 -0.63 6.24 -5.27
C VAL A 68 -2.02 6.48 -5.87
N ASP A 69 -2.11 7.48 -6.74
CA ASP A 69 -3.37 7.81 -7.38
C ASP A 69 -3.45 7.18 -8.77
N ALA A 70 -4.66 6.84 -9.19
CA ALA A 70 -4.86 6.22 -10.50
C ALA A 70 -4.98 7.27 -11.60
N THR A 71 -4.88 8.53 -11.24
CA THR A 71 -5.00 9.62 -12.21
C THR A 71 -3.71 10.45 -12.31
N ALA A 72 -2.55 9.80 -12.15
CA ALA A 72 -1.28 10.52 -12.23
C ALA A 72 -0.07 9.60 -12.03
N ASN A 73 0.02 8.55 -12.84
CA ASN A 73 1.15 7.62 -12.76
C ASN A 73 0.91 6.39 -13.63
N ASP A 74 1.84 5.45 -13.58
CA ASP A 74 1.75 4.22 -14.37
C ASP A 74 0.45 3.48 -14.07
N VAL A 75 0.34 2.94 -12.85
CA VAL A 75 -0.85 2.21 -12.42
C VAL A 75 -1.34 1.26 -13.53
N PRO A 76 -0.47 0.37 -14.02
CA PRO A 76 -0.81 -0.59 -15.07
C PRO A 76 -1.85 -1.61 -14.61
N ASP A 77 -1.88 -1.88 -13.31
CA ASP A 77 -2.81 -2.84 -12.76
C ASP A 77 -4.26 -2.42 -13.05
N GLU A 78 -5.14 -3.41 -13.19
CA GLU A 78 -6.55 -3.15 -13.48
C GLU A 78 -7.31 -2.87 -12.19
N ILE A 79 -8.34 -2.04 -12.29
CA ILE A 79 -9.15 -1.70 -11.13
C ILE A 79 -10.61 -1.49 -11.51
N GLN A 80 -11.51 -1.82 -10.59
CA GLN A 80 -12.94 -1.63 -10.81
C GLN A 80 -13.27 -0.15 -10.66
N GLY A 81 -12.74 0.43 -9.59
CA GLY A 81 -12.89 1.84 -9.32
C GLY A 81 -11.54 2.42 -8.96
N PHE A 82 -11.17 2.29 -7.70
CA PHE A 82 -9.87 2.72 -7.22
C PHE A 82 -9.58 2.24 -5.85
N PRO A 83 -10.41 2.61 -4.89
CA PRO A 83 -10.20 2.20 -3.52
C PRO A 83 -9.81 0.76 -3.47
N THR A 84 -8.59 0.56 -3.89
CA THR A 84 -7.97 -0.73 -4.03
C THR A 84 -6.79 -0.90 -3.10
N ILE A 85 -6.57 -2.15 -2.67
CA ILE A 85 -5.48 -2.48 -1.78
C ILE A 85 -4.80 -3.76 -2.24
N LYS A 86 -3.59 -3.61 -2.79
CA LYS A 86 -2.84 -4.75 -3.28
C LYS A 86 -1.68 -5.10 -2.33
N LEU A 87 -1.38 -6.38 -2.24
CA LEU A 87 -0.30 -6.85 -1.38
C LEU A 87 0.69 -7.70 -2.16
N TYR A 88 1.93 -7.21 -2.29
CA TYR A 88 2.96 -7.94 -3.01
C TYR A 88 3.80 -8.78 -2.05
N PRO A 89 3.57 -10.10 -2.02
CA PRO A 89 4.32 -11.01 -1.13
C PRO A 89 5.78 -11.12 -1.52
N ALA A 90 6.67 -10.88 -0.57
CA ALA A 90 8.10 -10.96 -0.81
C ALA A 90 8.53 -12.39 -1.10
N GLY A 91 9.02 -12.63 -2.32
CA GLY A 91 9.46 -13.95 -2.70
C GLY A 91 8.53 -14.61 -3.69
N ALA A 92 7.26 -14.22 -3.66
CA ALA A 92 6.26 -14.78 -4.57
C ALA A 92 5.91 -13.79 -5.67
N LYS A 93 6.78 -13.70 -6.67
CA LYS A 93 6.56 -12.79 -7.80
C LYS A 93 5.41 -13.28 -8.68
N GLY A 94 4.21 -13.28 -8.12
CA GLY A 94 3.06 -13.73 -8.88
C GLY A 94 1.88 -14.08 -7.99
N GLN A 95 1.64 -13.25 -6.98
CA GLN A 95 0.54 -13.47 -6.05
C GLN A 95 -0.03 -12.15 -5.55
N PRO A 96 -0.41 -11.25 -6.47
CA PRO A 96 -0.97 -9.94 -6.11
C PRO A 96 -2.36 -10.05 -5.50
N VAL A 97 -2.49 -9.58 -4.26
CA VAL A 97 -3.76 -9.63 -3.55
C VAL A 97 -4.67 -8.49 -4.00
N THR A 98 -5.97 -8.72 -3.94
CA THR A 98 -6.95 -7.71 -4.34
C THR A 98 -8.10 -7.65 -3.35
N TYR A 99 -8.15 -6.56 -2.58
CA TYR A 99 -9.20 -6.37 -1.59
C TYR A 99 -10.54 -6.10 -2.27
N SER A 100 -11.60 -6.71 -1.75
CA SER A 100 -12.94 -6.53 -2.29
C SER A 100 -13.70 -5.43 -1.56
N GLY A 101 -12.97 -4.54 -0.92
CA GLY A 101 -13.60 -3.45 -0.18
C GLY A 101 -13.19 -3.42 1.28
N SER A 102 -12.45 -2.38 1.65
CA SER A 102 -11.99 -2.23 3.03
C SER A 102 -13.15 -1.95 3.97
N ARG A 103 -13.25 -2.73 5.04
CA ARG A 103 -14.33 -2.56 6.01
C ARG A 103 -13.79 -1.99 7.32
N THR A 104 -12.54 -2.30 7.63
CA THR A 104 -11.91 -1.82 8.85
C THR A 104 -10.39 -1.92 8.76
N VAL A 105 -9.70 -1.31 9.71
CA VAL A 105 -8.25 -1.33 9.74
C VAL A 105 -7.72 -2.68 10.23
N GLU A 106 -8.41 -3.25 11.21
CA GLU A 106 -8.01 -4.54 11.78
C GLU A 106 -7.93 -5.60 10.68
N ASP A 107 -8.73 -5.43 9.64
CA ASP A 107 -8.74 -6.38 8.53
C ASP A 107 -7.57 -6.12 7.58
N LEU A 108 -7.24 -4.85 7.39
CA LEU A 108 -6.14 -4.47 6.51
C LEU A 108 -4.81 -4.97 7.06
N ILE A 109 -4.68 -4.98 8.39
CA ILE A 109 -3.46 -5.43 9.04
C ILE A 109 -3.33 -6.95 8.94
N LYS A 110 -4.38 -7.66 9.32
CA LYS A 110 -4.39 -9.11 9.26
C LYS A 110 -4.21 -9.60 7.83
N PHE A 111 -4.52 -8.74 6.86
CA PHE A 111 -4.39 -9.08 5.46
C PHE A 111 -2.91 -9.15 5.05
N ILE A 112 -2.20 -8.06 5.32
CA ILE A 112 -0.78 -7.96 4.99
C ILE A 112 0.00 -9.17 5.51
N ALA A 113 -0.29 -9.55 6.75
CA ALA A 113 0.40 -10.69 7.37
C ALA A 113 -0.17 -12.02 6.89
N GLU A 114 -1.38 -11.98 6.35
CA GLU A 114 -2.04 -13.20 5.86
C GLU A 114 -1.51 -13.59 4.49
N ASN A 115 -1.53 -12.65 3.55
CA ASN A 115 -1.05 -12.90 2.20
C ASN A 115 0.44 -12.60 2.08
N GLY A 116 0.89 -11.60 2.82
CA GLY A 116 2.30 -11.23 2.77
C GLY A 116 3.22 -12.37 3.17
N LYS A 117 4.02 -12.83 2.21
CA LYS A 117 4.95 -13.93 2.46
C LYS A 117 5.86 -13.61 3.64
N TYR A 118 6.24 -12.35 3.77
CA TYR A 118 7.11 -11.91 4.86
C TYR A 118 6.31 -11.77 6.15
N LYS A 119 5.00 -11.68 6.04
CA LYS A 119 4.13 -11.55 7.19
C LYS A 119 4.32 -10.18 7.86
N ALA A 120 4.30 -9.14 7.03
CA ALA A 120 4.47 -7.77 7.53
C ALA A 120 3.30 -7.35 8.42
N ALA A 121 3.27 -7.90 9.63
CA ALA A 121 2.22 -7.58 10.58
C ALA A 121 2.39 -8.38 11.88
N GLY A 1 13.49 18.96 9.58
CA GLY A 1 12.95 20.13 10.34
C GLY A 1 11.91 19.70 11.37
N PRO A 2 11.45 20.64 12.22
CA PRO A 2 10.45 20.34 13.25
C PRO A 2 9.22 19.66 12.68
N LEU A 3 8.53 20.34 11.78
CA LEU A 3 7.32 19.80 11.15
C LEU A 3 6.76 20.76 10.11
N GLY A 4 6.87 20.38 8.85
CA GLY A 4 6.37 21.22 7.77
C GLY A 4 5.52 20.46 6.78
N SER A 5 6.09 19.40 6.22
CA SER A 5 5.39 18.57 5.24
C SER A 5 4.77 17.35 5.92
N GLU A 6 4.14 16.50 5.11
CA GLU A 6 3.51 15.29 5.63
C GLU A 6 3.62 14.15 4.62
N GLY A 7 4.54 13.22 4.88
CA GLY A 7 4.72 12.10 3.99
C GLY A 7 5.21 10.85 4.72
N PRO A 8 4.46 10.39 5.73
CA PRO A 8 4.84 9.20 6.50
C PRO A 8 4.73 7.91 5.67
N VAL A 9 3.84 7.93 4.69
CA VAL A 9 3.64 6.76 3.83
C VAL A 9 4.58 6.79 2.63
N THR A 10 4.90 5.62 2.12
CA THR A 10 5.79 5.51 0.96
C THR A 10 5.11 6.02 -0.30
N VAL A 11 5.88 6.67 -1.16
CA VAL A 11 5.34 7.21 -2.41
C VAL A 11 5.70 6.34 -3.61
N VAL A 12 4.68 5.82 -4.28
CA VAL A 12 4.88 4.98 -5.45
C VAL A 12 4.48 5.72 -6.73
N VAL A 13 5.46 6.32 -7.39
CA VAL A 13 5.22 7.06 -8.61
C VAL A 13 5.73 6.28 -9.83
N ALA A 14 5.20 6.62 -11.00
CA ALA A 14 5.60 5.95 -12.23
C ALA A 14 7.13 5.86 -12.35
N LYS A 15 7.82 6.79 -11.70
CA LYS A 15 9.28 6.82 -11.74
C LYS A 15 9.86 5.57 -11.08
N ASN A 16 9.34 5.21 -9.91
CA ASN A 16 9.81 4.05 -9.18
C ASN A 16 8.66 3.10 -8.84
N TYR A 17 7.64 3.11 -9.69
CA TYR A 17 6.48 2.25 -9.48
C TYR A 17 6.85 0.79 -9.66
N ASN A 18 7.58 0.50 -10.73
CA ASN A 18 8.01 -0.86 -11.03
C ASN A 18 9.02 -1.36 -10.02
N GLU A 19 10.12 -0.63 -9.86
CA GLU A 19 11.17 -1.03 -8.92
C GLU A 19 10.59 -1.39 -7.54
N ILE A 20 9.55 -0.68 -7.14
CA ILE A 20 8.92 -0.91 -5.84
C ILE A 20 8.10 -2.19 -5.83
N VAL A 21 6.88 -2.13 -6.38
CA VAL A 21 5.98 -3.28 -6.42
C VAL A 21 6.73 -4.55 -6.84
N LEU A 22 7.76 -4.38 -7.67
CA LEU A 22 8.56 -5.49 -8.15
C LEU A 22 9.36 -6.14 -7.03
N ASP A 23 9.95 -5.29 -6.17
CA ASP A 23 10.76 -5.78 -5.06
C ASP A 23 10.07 -6.93 -4.32
N ASP A 24 10.37 -8.15 -4.74
CA ASP A 24 9.78 -9.34 -4.13
C ASP A 24 10.56 -9.78 -2.89
N THR A 25 11.73 -9.19 -2.68
CA THR A 25 12.55 -9.53 -1.53
C THR A 25 11.93 -9.02 -0.23
N LYS A 26 10.91 -8.17 -0.35
CA LYS A 26 10.23 -7.63 0.81
C LYS A 26 8.72 -7.57 0.58
N ASP A 27 7.97 -7.36 1.66
CA ASP A 27 6.52 -7.28 1.57
C ASP A 27 6.09 -5.89 1.14
N VAL A 28 5.31 -5.82 0.06
CA VAL A 28 4.83 -4.54 -0.45
C VAL A 28 3.33 -4.40 -0.31
N LEU A 29 2.88 -3.19 -0.01
CA LEU A 29 1.45 -2.91 0.14
C LEU A 29 1.10 -1.61 -0.57
N ILE A 30 0.57 -1.73 -1.79
CA ILE A 30 0.19 -0.55 -2.56
C ILE A 30 -1.32 -0.48 -2.74
N GLU A 31 -1.88 0.71 -2.58
CA GLU A 31 -3.31 0.90 -2.75
C GLU A 31 -3.60 1.98 -3.77
N PHE A 32 -4.63 1.76 -4.59
CA PHE A 32 -5.00 2.71 -5.63
C PHE A 32 -6.23 3.49 -5.22
N TYR A 33 -6.21 4.80 -5.46
CA TYR A 33 -7.34 5.66 -5.11
C TYR A 33 -7.34 6.93 -5.94
N ALA A 34 -8.44 7.67 -5.88
CA ALA A 34 -8.57 8.91 -6.62
C ALA A 34 -8.63 10.12 -5.68
N PRO A 35 -7.97 11.22 -6.05
CA PRO A 35 -7.96 12.44 -5.22
C PRO A 35 -9.29 13.18 -5.24
N TRP A 36 -10.22 12.71 -6.07
CA TRP A 36 -11.53 13.34 -6.18
C TRP A 36 -12.59 12.51 -5.46
N CYS A 37 -12.32 11.22 -5.28
CA CYS A 37 -13.25 10.32 -4.60
C CYS A 37 -13.30 10.62 -3.10
N GLY A 38 -14.51 10.55 -2.54
CA GLY A 38 -14.67 10.82 -1.12
C GLY A 38 -14.33 9.62 -0.25
N HIS A 39 -14.83 8.45 -0.63
CA HIS A 39 -14.58 7.22 0.12
C HIS A 39 -13.08 6.98 0.26
N CYS A 40 -12.31 7.50 -0.68
CA CYS A 40 -10.85 7.33 -0.65
C CYS A 40 -10.22 8.24 0.40
N LYS A 41 -10.84 9.39 0.62
CA LYS A 41 -10.33 10.35 1.60
C LYS A 41 -10.30 9.73 3.00
N ALA A 42 -11.37 9.02 3.35
CA ALA A 42 -11.46 8.38 4.65
C ALA A 42 -10.43 7.27 4.79
N LEU A 43 -10.20 6.55 3.69
CA LEU A 43 -9.24 5.45 3.68
C LEU A 43 -7.81 5.96 3.66
N ALA A 44 -7.64 7.26 3.42
CA ALA A 44 -6.32 7.88 3.38
C ALA A 44 -5.64 7.85 4.75
N PRO A 45 -6.28 8.41 5.78
CA PRO A 45 -5.71 8.44 7.13
C PRO A 45 -5.48 7.05 7.71
N LYS A 46 -6.41 6.13 7.45
CA LYS A 46 -6.30 4.77 7.95
C LYS A 46 -5.08 4.07 7.38
N TYR A 47 -4.99 4.01 6.05
CA TYR A 47 -3.87 3.37 5.39
C TYR A 47 -2.56 4.08 5.75
N GLU A 48 -2.65 5.36 6.09
CA GLU A 48 -1.48 6.15 6.44
C GLU A 48 -0.93 5.71 7.81
N GLU A 49 -1.83 5.47 8.75
CA GLU A 49 -1.43 5.05 10.08
C GLU A 49 -0.71 3.71 10.04
N LEU A 50 -1.41 2.67 9.60
CA LEU A 50 -0.84 1.34 9.51
C LEU A 50 0.41 1.35 8.63
N GLY A 51 0.43 2.25 7.64
CA GLY A 51 1.58 2.34 6.76
C GLY A 51 2.87 2.51 7.51
N ALA A 52 3.02 3.65 8.17
CA ALA A 52 4.22 3.92 8.95
C ALA A 52 4.31 2.99 10.15
N LEU A 53 3.17 2.45 10.59
CA LEU A 53 3.14 1.56 11.74
C LEU A 53 4.23 0.49 11.62
N TYR A 54 4.07 -0.41 10.66
CA TYR A 54 5.06 -1.47 10.44
C TYR A 54 6.21 -1.00 9.56
N ALA A 55 5.90 -0.11 8.63
CA ALA A 55 6.90 0.40 7.70
C ALA A 55 8.17 0.84 8.43
N LYS A 56 8.02 1.27 9.68
CA LYS A 56 9.18 1.73 10.45
C LYS A 56 9.28 1.07 11.82
N SER A 57 8.15 0.64 12.39
CA SER A 57 8.19 0.03 13.72
C SER A 57 8.61 -1.43 13.72
N GLU A 58 7.88 -2.27 12.99
CA GLU A 58 8.17 -3.71 12.95
C GLU A 58 9.00 -4.11 11.73
N PHE A 59 8.46 -3.86 10.55
CA PHE A 59 9.13 -4.22 9.30
C PHE A 59 9.86 -3.01 8.72
N LYS A 60 10.44 -2.22 9.60
CA LYS A 60 11.17 -1.02 9.20
C LYS A 60 12.04 -1.26 7.97
N ASP A 61 12.75 -2.38 7.95
CA ASP A 61 13.62 -2.71 6.83
C ASP A 61 13.17 -4.02 6.17
N ARG A 62 11.87 -4.24 6.11
CA ARG A 62 11.33 -5.46 5.50
C ARG A 62 10.03 -5.20 4.75
N VAL A 63 9.26 -4.20 5.16
CA VAL A 63 7.98 -3.89 4.51
C VAL A 63 7.99 -2.49 3.90
N VAL A 64 7.16 -2.32 2.87
CA VAL A 64 7.05 -1.03 2.19
C VAL A 64 5.61 -0.77 1.76
N ILE A 65 4.93 0.13 2.49
CA ILE A 65 3.55 0.46 2.19
C ILE A 65 3.44 1.85 1.54
N ALA A 66 2.98 1.89 0.30
CA ALA A 66 2.83 3.13 -0.41
C ALA A 66 1.42 3.32 -0.98
N LYS A 67 1.07 4.56 -1.27
CA LYS A 67 -0.24 4.88 -1.82
C LYS A 67 -0.08 5.57 -3.17
N VAL A 68 -0.73 5.02 -4.19
CA VAL A 68 -0.65 5.59 -5.54
C VAL A 68 -2.04 5.91 -6.09
N ASP A 69 -2.13 7.01 -6.83
CA ASP A 69 -3.40 7.43 -7.42
C ASP A 69 -3.45 7.00 -8.88
N ALA A 70 -4.64 6.60 -9.33
CA ALA A 70 -4.81 6.17 -10.72
C ALA A 70 -4.92 7.36 -11.67
N THR A 71 -4.84 8.58 -11.13
CA THR A 71 -4.95 9.79 -11.94
C THR A 71 -3.67 10.62 -11.87
N ALA A 72 -2.51 9.97 -11.77
CA ALA A 72 -1.25 10.70 -11.70
C ALA A 72 -0.04 9.77 -11.64
N ASN A 73 0.01 8.79 -12.53
CA ASN A 73 1.13 7.84 -12.57
C ASN A 73 0.85 6.68 -13.53
N ASP A 74 1.80 5.76 -13.61
CA ASP A 74 1.67 4.59 -14.48
C ASP A 74 0.39 3.82 -14.16
N VAL A 75 0.30 3.31 -12.93
CA VAL A 75 -0.87 2.55 -12.50
C VAL A 75 -1.31 1.54 -13.56
N PRO A 76 -0.39 0.64 -13.98
CA PRO A 76 -0.70 -0.37 -15.00
C PRO A 76 -1.78 -1.34 -14.56
N ASP A 77 -1.84 -1.61 -13.26
CA ASP A 77 -2.83 -2.53 -12.71
C ASP A 77 -4.25 -2.06 -13.05
N GLU A 78 -5.11 -3.01 -13.39
CA GLU A 78 -6.49 -2.69 -13.74
C GLU A 78 -7.36 -2.57 -12.48
N ILE A 79 -8.33 -1.67 -12.52
CA ILE A 79 -9.22 -1.47 -11.38
C ILE A 79 -10.65 -1.21 -11.84
N GLN A 80 -11.61 -1.67 -11.03
CA GLN A 80 -13.02 -1.46 -11.34
C GLN A 80 -13.36 -0.01 -11.00
N GLY A 81 -12.90 0.41 -9.84
CA GLY A 81 -13.09 1.76 -9.37
C GLY A 81 -11.76 2.33 -8.94
N PHE A 82 -11.44 2.19 -7.65
CA PHE A 82 -10.17 2.63 -7.13
C PHE A 82 -9.92 2.13 -5.76
N PRO A 83 -10.77 2.47 -4.82
CA PRO A 83 -10.59 2.04 -3.45
C PRO A 83 -10.16 0.60 -3.41
N THR A 84 -8.93 0.45 -3.80
CA THR A 84 -8.29 -0.84 -3.95
C THR A 84 -7.08 -0.97 -3.02
N ILE A 85 -6.84 -2.20 -2.59
CA ILE A 85 -5.72 -2.50 -1.71
C ILE A 85 -5.08 -3.82 -2.11
N LYS A 86 -3.89 -3.75 -2.71
CA LYS A 86 -3.19 -4.95 -3.16
C LYS A 86 -1.95 -5.22 -2.30
N LEU A 87 -1.64 -6.51 -2.13
CA LEU A 87 -0.49 -6.93 -1.36
C LEU A 87 0.39 -7.87 -2.17
N TYR A 88 1.66 -7.49 -2.33
CA TYR A 88 2.61 -8.31 -3.09
C TYR A 88 3.43 -9.19 -2.15
N PRO A 89 3.15 -10.50 -2.12
CA PRO A 89 3.88 -11.44 -1.25
C PRO A 89 5.34 -11.57 -1.64
N ALA A 90 6.24 -11.26 -0.70
CA ALA A 90 7.67 -11.35 -0.96
C ALA A 90 8.08 -12.78 -1.33
N GLY A 91 8.73 -12.92 -2.48
CA GLY A 91 9.16 -14.23 -2.93
C GLY A 91 8.18 -14.85 -3.90
N ALA A 92 6.91 -14.50 -3.78
CA ALA A 92 5.87 -15.03 -4.65
C ALA A 92 5.43 -14.00 -5.67
N LYS A 93 6.27 -13.75 -6.67
CA LYS A 93 5.96 -12.78 -7.71
C LYS A 93 4.87 -13.30 -8.65
N GLY A 94 3.68 -13.50 -8.10
CA GLY A 94 2.57 -13.99 -8.89
C GLY A 94 1.38 -14.43 -8.05
N GLN A 95 1.13 -13.69 -6.97
CA GLN A 95 0.01 -14.00 -6.09
C GLN A 95 -0.46 -12.76 -5.33
N PRO A 96 -0.72 -11.66 -6.04
CA PRO A 96 -1.17 -10.41 -5.43
C PRO A 96 -2.65 -10.45 -5.08
N VAL A 97 -2.97 -10.07 -3.84
CA VAL A 97 -4.35 -10.06 -3.38
C VAL A 97 -5.06 -8.78 -3.81
N THR A 98 -6.38 -8.87 -3.98
CA THR A 98 -7.17 -7.71 -4.38
C THR A 98 -8.31 -7.46 -3.42
N TYR A 99 -8.34 -6.26 -2.84
CA TYR A 99 -9.38 -5.89 -1.89
C TYR A 99 -10.49 -5.10 -2.58
N SER A 100 -11.73 -5.41 -2.24
CA SER A 100 -12.89 -4.73 -2.83
C SER A 100 -13.36 -3.58 -1.95
N GLY A 101 -12.47 -3.08 -1.09
CA GLY A 101 -12.82 -1.99 -0.21
C GLY A 101 -12.84 -2.40 1.25
N SER A 102 -11.77 -2.10 1.96
CA SER A 102 -11.67 -2.44 3.38
C SER A 102 -12.69 -1.66 4.20
N ARG A 103 -13.05 -2.20 5.36
CA ARG A 103 -14.01 -1.56 6.25
C ARG A 103 -13.32 -0.97 7.47
N THR A 104 -12.23 -1.59 7.89
CA THR A 104 -11.48 -1.12 9.05
C THR A 104 -9.97 -1.35 8.85
N VAL A 105 -9.18 -0.83 9.78
CA VAL A 105 -7.73 -0.97 9.70
C VAL A 105 -7.29 -2.34 10.20
N GLU A 106 -7.91 -2.81 11.28
CA GLU A 106 -7.58 -4.10 11.86
C GLU A 106 -7.71 -5.22 10.83
N ASP A 107 -8.62 -5.03 9.87
CA ASP A 107 -8.85 -6.02 8.82
C ASP A 107 -7.75 -5.97 7.77
N LEU A 108 -7.32 -4.76 7.43
CA LEU A 108 -6.27 -4.57 6.44
C LEU A 108 -4.93 -5.11 6.94
N ILE A 109 -4.71 -5.01 8.25
CA ILE A 109 -3.47 -5.49 8.86
C ILE A 109 -3.43 -7.01 8.85
N LYS A 110 -4.47 -7.64 9.39
CA LYS A 110 -4.56 -9.09 9.45
C LYS A 110 -4.43 -9.71 8.07
N PHE A 111 -4.79 -8.93 7.04
CA PHE A 111 -4.73 -9.41 5.67
C PHE A 111 -3.28 -9.49 5.19
N ILE A 112 -2.51 -8.44 5.47
CA ILE A 112 -1.11 -8.38 5.07
C ILE A 112 -0.35 -9.60 5.58
N ALA A 113 -0.56 -9.94 6.85
CA ALA A 113 0.11 -11.09 7.45
C ALA A 113 -0.53 -12.40 7.01
N GLU A 114 -1.77 -12.33 6.55
CA GLU A 114 -2.49 -13.51 6.10
C GLU A 114 -2.09 -13.89 4.69
N ASN A 115 -2.07 -12.91 3.79
CA ASN A 115 -1.70 -13.15 2.40
C ASN A 115 -0.20 -12.93 2.19
N GLY A 116 0.36 -11.96 2.90
CA GLY A 116 1.77 -11.66 2.76
C GLY A 116 2.64 -12.86 3.11
N LYS A 117 3.47 -13.28 2.15
CA LYS A 117 4.36 -14.42 2.35
C LYS A 117 5.30 -14.17 3.53
N TYR A 118 5.80 -12.94 3.64
CA TYR A 118 6.70 -12.56 4.72
C TYR A 118 5.94 -12.34 6.02
N LYS A 119 4.61 -12.31 5.94
CA LYS A 119 3.78 -12.09 7.12
C LYS A 119 4.04 -10.72 7.72
N ALA A 120 3.91 -9.69 6.90
CA ALA A 120 4.13 -8.32 7.34
C ALA A 120 3.09 -7.90 8.37
N ALA A 121 3.26 -8.35 9.61
CA ALA A 121 2.33 -8.01 10.69
C ALA A 121 2.75 -8.68 12.00
#